data_9K6Q
#
_entry.id   9K6Q
#
loop_
_entity.id
_entity.type
_entity.pdbx_description
1 polymer "RNA (5'-R(P*UP*AP*CP*AP*AP*GP*AP*GP*CP*CP*UP*UP*UP*CP*UP*GP*U)-3')"
2 polymer "RNA (5'-R(P*GP*AP*AP*AP*GP*GP*CP*UP*CP*UP*UP*GP*U)-3')"
3 polymer 'Protein argonaute-2'
4 non-polymer 'MAGNESIUM ION'
#
loop_
_entity_poly.entity_id
_entity_poly.type
_entity_poly.pdbx_seq_one_letter_code
_entity_poly.pdbx_strand_id
1 'polyribonucleotide' UACAAGAGCCUUUCUGU B
2 'polyribonucleotide' GAAAGGCUCUUGUU C
3 'polypeptide(L)'
;MYSGAGPALAPPAPPPPIQGYAFKPPPRPDFGTSGRTIKLQANFFEMDIPKIDIYHYELDIKPEKCPRRVNREIVEHMVQ
HFKTQIFGDRKPVFDGRKNLYTAMPLPIGRDKVELEVTLPGEGKDRIFKVSIKWVSCVSLQALHDALSGRLPSVPFETIQ
ALDVVMRHLPSMRYTPVGRSFFTASEGCSNPLGGGREVWFGFHQSVRPSLWKMMLNIDVSATAFYKAQPVIEFVCEVLDF
KSIEEQQKPLTDSQRVKFTKEIKGLKVEITHCGQMKRKYRVCNVTRRPASHQTFPLQQESGQTVECTVAQYFKDRHKLVL
RYPHLPCLQVGQEQKHTYLPLEVCNIVAGQRCIKKLTDNQTSTMIRATARSAPDRQEEISKLMRSASFNTDPYVREFGIM
VKDEMTDVTGRVLQPPSILYGGRNKAIATPVQGVWDMRNKQFHTGIEIKVWAIACFAPQRQCTEVHLKSFTEQLRKISRD
AGMPIQGQPCFCKYAQGADSVEPMFRHLKNTYAGLQLVVVILPGKTPVYAEVKRVGDTVLGMATQCVQMKNVQRTTPQTL
SNLCLKINVKLGGVNNILLPQGRPPVFQQPVIFLGADVTHPPAGDGKKPSIAAVVGSMDAHPNRYCATVRVQQHRQEIIQ
DLAAMVRELLIQFYKSTRFKPTRIIFYRAGVSEGQFQQVLHHELLAIREACIKLEKDYQPGITFIVVQKRHHTRLFCTDK
NERVGKSGNIPAGTTVDTKITHPTEFDFYLCSHAGIQGTSRPSHYHVLWDDNRFSSDELQILTYQLCHTYVRCTRSVSIP
APAYYAHLVAFRARYHLVDKEHDSAEGSHTSGQSNGRDHQALAKAVQVHQDTLRTMYFA
;
A
#
# COMPACT_ATOMS: atom_id res chain seq x y z
N GLY C 20 21.12 3.50 18.55
CA GLY C 20 19.68 3.54 18.77
C GLY C 20 19.07 4.89 18.51
N TYR C 21 17.76 5.00 18.71
CA TYR C 21 17.03 6.24 18.50
C TYR C 21 16.22 6.57 19.75
N ALA C 22 15.97 7.86 19.95
CA ALA C 22 15.28 8.36 21.13
C ALA C 22 13.81 8.66 20.88
N PHE C 23 13.28 8.28 19.73
CA PHE C 23 11.87 8.53 19.40
C PHE C 23 11.13 7.20 19.43
N LYS C 24 10.26 7.02 20.42
CA LYS C 24 9.43 5.84 20.52
C LYS C 24 8.01 6.17 20.07
N PRO C 25 7.35 5.26 19.35
CA PRO C 25 5.96 5.47 18.97
C PRO C 25 5.08 5.61 20.20
N PRO C 26 4.08 6.49 20.15
CA PRO C 26 3.24 6.70 21.34
C PRO C 26 2.36 5.50 21.59
N PRO C 27 1.99 5.25 22.84
CA PRO C 27 1.03 4.17 23.14
C PRO C 27 -0.39 4.58 22.77
N ARG C 28 -1.28 3.61 22.89
CA ARG C 28 -2.69 3.86 22.60
C ARG C 28 -3.28 4.83 23.60
N PRO C 29 -3.96 5.89 23.15
CA PRO C 29 -4.66 6.75 24.11
C PRO C 29 -5.92 6.09 24.66
N ASP C 30 -6.68 5.42 23.81
CA ASP C 30 -7.93 4.75 24.17
C ASP C 30 -8.31 3.84 23.02
N PHE C 31 -9.51 3.29 23.06
CA PHE C 31 -10.07 2.50 21.97
C PHE C 31 -11.23 3.25 21.35
N GLY C 32 -11.42 3.05 20.05
CA GLY C 32 -12.47 3.75 19.34
C GLY C 32 -13.86 3.33 19.79
N THR C 33 -14.77 4.30 19.77
CA THR C 33 -16.14 4.09 20.24
C THR C 33 -17.15 4.50 19.18
N SER C 34 -16.81 5.52 18.39
CA SER C 34 -17.74 6.06 17.42
C SER C 34 -17.98 5.08 16.27
N GLY C 35 -19.14 5.21 15.65
CA GLY C 35 -19.55 4.33 14.57
C GLY C 35 -20.47 3.23 15.06
N ARG C 36 -21.17 2.60 14.12
CA ARG C 36 -22.08 1.51 14.47
C ARG C 36 -21.32 0.19 14.53
N THR C 37 -21.71 -0.66 15.48
CA THR C 37 -20.97 -1.89 15.71
C THR C 37 -21.27 -2.92 14.63
N ILE C 38 -20.21 -3.49 14.06
CA ILE C 38 -20.32 -4.53 13.06
C ILE C 38 -19.53 -5.74 13.54
N LYS C 39 -20.11 -6.93 13.43
CA LYS C 39 -19.44 -8.16 13.80
C LYS C 39 -18.54 -8.61 12.65
N LEU C 40 -17.26 -8.80 12.94
CA LEU C 40 -16.28 -9.16 11.91
C LEU C 40 -15.54 -10.42 12.32
N GLN C 41 -14.89 -11.03 11.34
CA GLN C 41 -14.01 -12.18 11.55
C GLN C 41 -12.74 -11.96 10.75
N ALA C 42 -11.63 -11.75 11.44
CA ALA C 42 -10.35 -11.57 10.80
C ALA C 42 -9.63 -12.91 10.65
N ASN C 43 -8.79 -13.02 9.63
CA ASN C 43 -8.06 -14.26 9.39
C ASN C 43 -6.85 -14.37 10.30
N PHE C 44 -7.06 -14.16 11.59
CA PHE C 44 -6.06 -14.31 12.63
C PHE C 44 -6.53 -15.42 13.55
N PHE C 45 -5.64 -16.34 13.90
CA PHE C 45 -6.03 -17.51 14.67
C PHE C 45 -5.29 -17.49 16.00
N GLU C 46 -6.05 -17.61 17.09
CA GLU C 46 -5.50 -17.47 18.44
C GLU C 46 -4.52 -18.60 18.74
N MET C 47 -3.48 -18.25 19.50
CA MET C 47 -2.36 -19.14 19.75
C MET C 47 -2.16 -19.31 21.25
N ASP C 48 -2.09 -20.54 21.71
CA ASP C 48 -1.82 -20.84 23.11
C ASP C 48 -0.32 -21.04 23.27
N ILE C 49 0.38 -20.04 23.78
CA ILE C 49 1.82 -20.04 23.92
C ILE C 49 2.14 -20.31 25.39
N PRO C 50 2.90 -21.37 25.70
CA PRO C 50 3.25 -21.65 27.09
C PRO C 50 4.31 -20.69 27.60
N LYS C 51 4.57 -20.79 28.90
CA LYS C 51 5.57 -19.96 29.56
C LYS C 51 6.93 -20.62 29.67
N ILE C 52 7.11 -21.82 29.09
CA ILE C 52 8.41 -22.48 29.12
C ILE C 52 9.39 -21.71 28.22
N ASP C 53 10.68 -21.95 28.46
CA ASP C 53 11.74 -21.34 27.68
C ASP C 53 12.23 -22.34 26.64
N ILE C 54 12.16 -21.95 25.36
CA ILE C 54 12.69 -22.78 24.29
C ILE C 54 14.12 -22.36 24.01
N TYR C 55 14.88 -23.27 23.41
CA TYR C 55 16.34 -23.17 23.37
C TYR C 55 16.82 -23.00 21.93
N HIS C 56 17.67 -22.02 21.72
CA HIS C 56 18.06 -21.55 20.39
C HIS C 56 19.44 -22.13 20.04
N TYR C 57 19.53 -22.80 18.89
CA TYR C 57 20.75 -23.40 18.41
C TYR C 57 21.02 -22.90 16.99
N GLU C 58 22.17 -23.29 16.44
CA GLU C 58 22.56 -22.91 15.09
C GLU C 58 23.31 -24.07 14.47
N LEU C 59 23.02 -24.34 13.19
CA LEU C 59 23.64 -25.44 12.46
C LEU C 59 24.49 -24.87 11.33
N ASP C 60 25.75 -25.30 11.27
CA ASP C 60 26.68 -24.88 10.22
C ASP C 60 27.01 -26.08 9.36
N ILE C 61 26.69 -25.99 8.07
CA ILE C 61 26.89 -27.06 7.11
C ILE C 61 27.79 -26.55 6.00
N LYS C 62 28.84 -27.32 5.68
CA LYS C 62 29.74 -26.97 4.60
C LYS C 62 29.50 -27.87 3.39
N PRO C 63 29.47 -27.32 2.17
CA PRO C 63 29.65 -25.91 1.80
C PRO C 63 28.40 -25.07 2.06
N GLU C 64 28.41 -23.79 1.69
CA GLU C 64 27.31 -22.89 1.97
C GLU C 64 26.26 -22.86 0.87
N LYS C 65 26.38 -23.71 -0.14
CA LYS C 65 25.44 -23.76 -1.27
C LYS C 65 24.57 -25.01 -1.20
N CYS C 66 24.19 -25.43 0.00
CA CYS C 66 23.36 -26.61 0.16
C CYS C 66 21.91 -26.29 -0.22
N PRO C 67 21.24 -27.17 -0.98
CA PRO C 67 19.80 -27.03 -1.15
C PRO C 67 19.06 -27.15 0.17
N ARG C 68 17.96 -26.38 0.29
CA ARG C 68 17.20 -26.37 1.53
C ARG C 68 16.49 -27.69 1.78
N ARG C 69 16.05 -28.36 0.71
CA ARG C 69 15.38 -29.64 0.85
C ARG C 69 16.31 -30.68 1.46
N VAL C 70 17.52 -30.81 0.91
CA VAL C 70 18.46 -31.75 1.51
C VAL C 70 19.02 -31.22 2.81
N ASN C 71 18.94 -29.91 3.06
CA ASN C 71 19.31 -29.38 4.38
C ASN C 71 18.37 -29.92 5.45
N ARG C 72 17.06 -29.82 5.20
CA ARG C 72 16.09 -30.38 6.14
C ARG C 72 16.21 -31.90 6.20
N GLU C 73 16.52 -32.53 5.05
CA GLU C 73 16.69 -33.98 5.03
C GLU C 73 17.86 -34.43 5.90
N ILE C 74 19.00 -33.74 5.82
CA ILE C 74 20.14 -34.13 6.64
C ILE C 74 19.93 -33.74 8.09
N VAL C 75 19.11 -32.70 8.35
CA VAL C 75 18.76 -32.38 9.73
C VAL C 75 17.95 -33.51 10.35
N GLU C 76 16.95 -34.01 9.61
CA GLU C 76 16.21 -35.17 10.06
C GLU C 76 17.10 -36.40 10.17
N HIS C 77 18.10 -36.53 9.29
CA HIS C 77 19.03 -37.63 9.37
C HIS C 77 19.87 -37.58 10.65
N MET C 78 20.34 -36.39 11.03
CA MET C 78 21.04 -36.24 12.30
C MET C 78 20.14 -36.56 13.48
N VAL C 79 18.88 -36.11 13.41
CA VAL C 79 17.95 -36.35 14.52
C VAL C 79 17.68 -37.85 14.68
N GLN C 80 17.47 -38.55 13.56
CA GLN C 80 17.17 -39.98 13.64
C GLN C 80 18.42 -40.84 13.87
N HIS C 81 19.59 -40.31 13.54
CA HIS C 81 20.83 -41.11 13.62
C HIS C 81 21.56 -40.87 14.92
N PHE C 82 21.89 -39.62 15.23
CA PHE C 82 22.52 -39.25 16.49
C PHE C 82 21.48 -38.97 17.56
N LYS C 83 20.58 -39.92 17.77
CA LYS C 83 19.51 -39.75 18.74
C LYS C 83 20.04 -39.88 20.16
N THR C 84 20.93 -40.84 20.40
CA THR C 84 21.42 -41.11 21.75
C THR C 84 22.42 -40.05 22.22
N GLN C 85 23.32 -39.62 21.33
CA GLN C 85 24.44 -38.79 21.76
C GLN C 85 24.01 -37.38 22.14
N ILE C 86 23.19 -36.75 21.31
CA ILE C 86 22.93 -35.31 21.46
C ILE C 86 21.44 -35.03 21.59
N PHE C 87 20.64 -35.54 20.66
CA PHE C 87 19.26 -35.10 20.55
C PHE C 87 18.33 -35.76 21.57
N GLY C 88 18.79 -36.80 22.28
CA GLY C 88 17.99 -37.42 23.32
C GLY C 88 16.72 -38.07 22.80
N ASP C 89 15.58 -37.48 23.13
CA ASP C 89 14.27 -37.93 22.65
C ASP C 89 13.43 -36.75 22.19
N ARG C 90 14.10 -35.72 21.68
CA ARG C 90 13.44 -34.48 21.27
C ARG C 90 13.32 -34.43 19.76
N LYS C 91 12.34 -33.66 19.30
CA LYS C 91 12.13 -33.37 17.88
C LYS C 91 12.29 -31.87 17.68
N PRO C 92 13.45 -31.41 17.22
CA PRO C 92 13.66 -29.97 17.05
C PRO C 92 13.19 -29.46 15.71
N VAL C 93 13.06 -28.14 15.64
CA VAL C 93 12.59 -27.44 14.44
C VAL C 93 13.75 -26.65 13.85
N PHE C 94 13.75 -26.54 12.52
CA PHE C 94 14.83 -25.90 11.77
C PHE C 94 14.21 -25.00 10.72
N ASP C 95 14.75 -23.79 10.55
CA ASP C 95 14.24 -22.88 9.54
C ASP C 95 14.71 -23.24 8.13
N GLY C 96 15.72 -24.09 8.02
CA GLY C 96 16.24 -24.48 6.73
C GLY C 96 17.66 -24.00 6.50
N ARG C 97 17.96 -22.77 6.91
CA ARG C 97 19.31 -22.24 6.68
C ARG C 97 20.24 -22.36 7.88
N LYS C 98 19.94 -21.66 8.98
CA LYS C 98 20.94 -21.46 10.02
C LYS C 98 20.54 -22.02 11.38
N ASN C 99 19.40 -21.62 11.94
CA ASN C 99 19.15 -21.77 13.37
C ASN C 99 18.10 -22.83 13.66
N LEU C 100 18.37 -23.61 14.71
CA LEU C 100 17.51 -24.69 15.16
C LEU C 100 16.98 -24.37 16.55
N TYR C 101 15.78 -24.87 16.85
CA TYR C 101 15.15 -24.63 18.14
C TYR C 101 14.66 -25.94 18.73
N THR C 102 14.77 -26.07 20.05
CA THR C 102 14.31 -27.24 20.78
C THR C 102 13.64 -26.79 22.06
N ALA C 103 12.58 -27.51 22.45
CA ALA C 103 11.83 -27.15 23.65
C ALA C 103 12.54 -27.52 24.94
N MET C 104 13.45 -28.48 24.90
CA MET C 104 14.22 -28.91 26.06
C MET C 104 15.69 -28.88 25.70
N PRO C 105 16.57 -28.62 26.66
CA PRO C 105 17.98 -28.38 26.32
C PRO C 105 18.70 -29.69 25.98
N LEU C 106 19.47 -29.65 24.90
CA LEU C 106 20.30 -30.79 24.57
C LEU C 106 21.52 -30.83 25.49
N PRO C 107 21.98 -32.03 25.87
CA PRO C 107 23.15 -32.16 26.76
C PRO C 107 24.49 -31.87 26.08
N ILE C 108 24.61 -30.68 25.52
CA ILE C 108 25.85 -30.23 24.90
C ILE C 108 26.43 -28.98 25.54
N GLY C 109 25.61 -28.21 26.26
CA GLY C 109 26.08 -27.00 26.90
C GLY C 109 26.54 -25.94 25.91
N ARG C 110 27.83 -25.58 25.98
CA ARG C 110 28.42 -24.63 25.04
C ARG C 110 29.31 -25.32 24.01
N ASP C 111 29.31 -26.65 23.98
CA ASP C 111 30.21 -27.39 23.11
C ASP C 111 29.71 -27.38 21.67
N LYS C 112 30.62 -27.68 20.75
CA LYS C 112 30.33 -27.82 19.33
C LYS C 112 30.75 -29.20 18.88
N VAL C 113 29.84 -29.93 18.22
CA VAL C 113 30.06 -31.31 17.82
C VAL C 113 30.05 -31.38 16.30
N GLU C 114 31.08 -32.00 15.72
CA GLU C 114 31.20 -32.16 14.28
C GLU C 114 30.82 -33.60 13.90
N LEU C 115 29.89 -33.73 12.96
CA LEU C 115 29.40 -35.04 12.53
C LEU C 115 29.49 -35.15 11.00
N GLU C 116 29.28 -36.36 10.51
CA GLU C 116 29.39 -36.67 9.09
C GLU C 116 28.09 -37.27 8.58
N VAL C 117 27.71 -36.88 7.37
CA VAL C 117 26.50 -37.37 6.71
C VAL C 117 26.87 -37.89 5.33
N THR C 118 26.40 -39.10 5.02
CA THR C 118 26.66 -39.73 3.73
C THR C 118 25.41 -39.68 2.86
N LEU C 119 25.55 -39.20 1.64
CA LEU C 119 24.43 -39.05 0.73
C LEU C 119 24.88 -39.36 -0.70
N PRO C 120 23.96 -39.84 -1.55
CA PRO C 120 24.27 -39.97 -2.98
C PRO C 120 23.89 -38.72 -3.75
N GLY C 121 24.15 -38.72 -5.06
CA GLY C 121 23.79 -37.60 -5.90
C GLY C 121 23.35 -38.01 -7.29
N GLU C 122 23.43 -37.08 -8.25
CA GLU C 122 23.09 -37.38 -9.64
C GLU C 122 24.29 -38.02 -10.33
N GLY C 123 24.49 -39.30 -10.02
CA GLY C 123 25.63 -40.05 -10.50
C GLY C 123 26.90 -39.87 -9.68
N LYS C 124 26.85 -39.06 -8.62
CA LYS C 124 28.00 -38.81 -7.76
C LYS C 124 27.59 -39.07 -6.31
N ASP C 125 28.52 -38.80 -5.39
CA ASP C 125 28.30 -39.00 -3.97
C ASP C 125 28.70 -37.74 -3.21
N ARG C 126 27.96 -37.43 -2.14
CA ARG C 126 28.19 -36.23 -1.35
C ARG C 126 28.44 -36.63 0.11
N ILE C 127 29.42 -35.97 0.73
CA ILE C 127 29.74 -36.15 2.14
C ILE C 127 29.60 -34.80 2.82
N PHE C 128 28.80 -34.75 3.90
CA PHE C 128 28.44 -33.49 4.54
C PHE C 128 29.01 -33.43 5.95
N LYS C 129 29.49 -32.25 6.33
CA LYS C 129 29.94 -31.96 7.68
C LYS C 129 28.97 -31.00 8.35
N VAL C 130 28.59 -31.31 9.59
CA VAL C 130 27.55 -30.58 10.30
C VAL C 130 28.02 -30.26 11.71
N SER C 131 27.68 -29.07 12.20
CA SER C 131 28.08 -28.60 13.51
C SER C 131 26.89 -28.00 14.24
N ILE C 132 26.84 -28.20 15.57
CA ILE C 132 25.76 -27.69 16.41
C ILE C 132 26.38 -26.73 17.43
N LYS C 133 25.81 -25.52 17.50
CA LYS C 133 26.29 -24.49 18.42
C LYS C 133 25.12 -23.86 19.16
N TRP C 134 25.20 -23.86 20.49
CA TRP C 134 24.23 -23.15 21.30
C TRP C 134 24.34 -21.65 21.08
N VAL C 135 23.22 -20.95 21.09
CA VAL C 135 23.20 -19.53 20.76
C VAL C 135 22.68 -18.71 21.93
N SER C 136 21.43 -18.93 22.33
CA SER C 136 20.79 -18.10 23.34
C SER C 136 19.64 -18.86 23.96
N CYS C 137 19.16 -18.34 25.09
CA CYS C 137 17.98 -18.85 25.78
C CYS C 137 16.88 -17.81 25.65
N VAL C 138 16.00 -18.00 24.68
CA VAL C 138 14.88 -17.09 24.47
C VAL C 138 13.72 -17.54 25.34
N SER C 139 13.00 -16.58 25.91
CA SER C 139 11.95 -16.84 26.89
C SER C 139 10.60 -16.48 26.31
N LEU C 140 9.64 -17.40 26.42
CA LEU C 140 8.26 -17.08 26.09
C LEU C 140 7.54 -16.37 27.23
N GLN C 141 8.11 -16.42 28.44
CA GLN C 141 7.57 -15.62 29.54
C GLN C 141 7.75 -14.13 29.27
N ALA C 142 8.92 -13.75 28.73
CA ALA C 142 9.13 -12.37 28.34
C ALA C 142 8.20 -11.97 27.20
N LEU C 143 7.91 -12.91 26.30
CA LEU C 143 6.95 -12.64 25.24
C LEU C 143 5.55 -12.42 25.80
N HIS C 144 5.15 -13.23 26.78
CA HIS C 144 3.84 -13.06 27.40
C HIS C 144 3.76 -11.73 28.15
N ASP C 145 4.85 -11.31 28.78
CA ASP C 145 4.89 -10.01 29.43
C ASP C 145 4.77 -8.89 28.41
N ALA C 146 5.50 -9.00 27.30
CA ALA C 146 5.45 -7.95 26.27
C ALA C 146 4.10 -7.88 25.59
N LEU C 147 3.38 -9.01 25.50
CA LEU C 147 2.09 -9.03 24.83
C LEU C 147 1.01 -8.30 25.63
N SER C 148 1.21 -8.10 26.93
CA SER C 148 0.21 -7.43 27.78
C SER C 148 0.89 -6.33 28.58
N GLY C 149 1.05 -5.17 27.95
CA GLY C 149 1.41 -3.91 28.58
C GLY C 149 2.51 -3.87 29.64
N ARG C 150 3.43 -4.83 29.62
CA ARG C 150 4.52 -4.85 30.58
C ARG C 150 5.85 -4.46 29.96
N LEU C 151 6.27 -5.12 28.90
CA LEU C 151 7.48 -4.73 28.20
C LEU C 151 7.12 -3.81 27.04
N PRO C 152 7.87 -2.73 26.80
CA PRO C 152 7.49 -1.80 25.73
C PRO C 152 7.72 -2.35 24.33
N SER C 153 8.54 -3.38 24.18
CA SER C 153 8.90 -3.89 22.86
C SER C 153 8.61 -5.39 22.79
N VAL C 154 7.93 -5.78 21.72
CA VAL C 154 7.73 -7.21 21.44
C VAL C 154 9.05 -7.82 20.99
N PRO C 155 9.52 -8.91 21.61
CA PRO C 155 10.83 -9.45 21.23
C PRO C 155 10.80 -10.20 19.91
N PHE C 156 11.44 -9.61 18.90
CA PHE C 156 11.37 -10.11 17.53
C PHE C 156 12.02 -11.49 17.38
N GLU C 157 13.02 -11.79 18.20
CA GLU C 157 13.64 -13.11 18.17
C GLU C 157 12.64 -14.19 18.56
N THR C 158 11.79 -13.91 19.54
CA THR C 158 10.73 -14.85 19.90
C THR C 158 9.75 -15.04 18.75
N ILE C 159 9.48 -13.97 18.00
CA ILE C 159 8.56 -14.06 16.88
C ILE C 159 9.12 -14.97 15.79
N GLN C 160 10.41 -14.82 15.46
CA GLN C 160 10.97 -15.70 14.43
C GLN C 160 11.06 -17.13 14.94
N ALA C 161 11.35 -17.33 16.24
CA ALA C 161 11.39 -18.68 16.79
C ALA C 161 10.01 -19.36 16.68
N LEU C 162 8.95 -18.63 17.04
CA LEU C 162 7.61 -19.19 16.94
C LEU C 162 7.23 -19.45 15.48
N ASP C 163 7.63 -18.55 14.57
CA ASP C 163 7.34 -18.74 13.16
C ASP C 163 8.01 -20.00 12.63
N VAL C 164 9.27 -20.23 13.01
CA VAL C 164 9.97 -21.44 12.59
C VAL C 164 9.29 -22.69 13.17
N VAL C 165 8.89 -22.61 14.44
CA VAL C 165 8.20 -23.73 15.08
C VAL C 165 6.94 -24.11 14.31
N MET C 166 6.17 -23.11 13.90
CA MET C 166 4.89 -23.42 13.25
C MET C 166 5.04 -23.71 11.76
N ARG C 167 6.12 -23.26 11.13
CA ARG C 167 6.29 -23.57 9.71
C ARG C 167 7.26 -24.72 9.44
N HIS C 168 7.69 -25.44 10.49
CA HIS C 168 8.47 -26.66 10.28
C HIS C 168 7.72 -27.67 9.40
N LEU C 169 6.57 -28.16 9.88
CA LEU C 169 5.87 -29.23 9.15
C LEU C 169 5.24 -28.76 7.83
N PRO C 170 4.71 -27.54 7.68
CA PRO C 170 4.35 -27.08 6.33
C PRO C 170 5.52 -27.05 5.36
N SER C 171 6.75 -26.89 5.86
CA SER C 171 7.91 -26.92 4.98
C SER C 171 8.29 -28.33 4.54
N MET C 172 7.69 -29.35 5.14
CA MET C 172 7.98 -30.73 4.77
C MET C 172 6.82 -31.39 4.03
N ARG C 173 5.60 -31.22 4.53
CA ARG C 173 4.43 -31.82 3.89
C ARG C 173 4.13 -31.15 2.55
N TYR C 174 4.16 -29.82 2.51
CA TYR C 174 3.90 -29.05 1.31
C TYR C 174 5.24 -28.72 0.65
N THR C 175 5.20 -27.89 -0.39
CA THR C 175 6.46 -27.37 -0.91
C THR C 175 6.59 -25.88 -0.60
N PRO C 176 7.64 -25.49 0.13
CA PRO C 176 7.87 -24.07 0.42
C PRO C 176 8.02 -23.25 -0.85
N VAL C 177 7.42 -22.06 -0.85
CA VAL C 177 7.65 -21.05 -1.89
C VAL C 177 7.74 -19.73 -1.13
N GLY C 178 8.96 -19.23 -0.97
CA GLY C 178 9.15 -18.05 -0.14
C GLY C 178 8.72 -18.30 1.29
N ARG C 179 7.80 -17.48 1.77
CA ARG C 179 7.17 -17.66 3.07
C ARG C 179 5.83 -18.40 2.97
N SER C 180 5.45 -18.84 1.79
CA SER C 180 4.19 -19.52 1.57
C SER C 180 4.41 -20.97 1.20
N PHE C 181 3.38 -21.78 1.41
CA PHE C 181 3.41 -23.21 1.10
C PHE C 181 2.26 -23.50 0.14
N PHE C 182 2.58 -24.12 -0.98
CA PHE C 182 1.60 -24.44 -2.02
C PHE C 182 1.52 -25.95 -2.17
N THR C 183 0.30 -26.48 -2.17
CA THR C 183 0.05 -27.90 -2.37
C THR C 183 -0.61 -28.12 -3.73
N ALA C 184 -0.48 -29.33 -4.24
CA ALA C 184 -1.07 -29.66 -5.53
C ALA C 184 -2.59 -29.65 -5.46
N SER C 185 -3.22 -29.20 -6.53
CA SER C 185 -4.68 -29.15 -6.58
C SER C 185 -5.24 -30.54 -6.81
N GLU C 186 -6.24 -30.92 -6.01
CA GLU C 186 -6.94 -32.19 -6.16
C GLU C 186 -8.34 -31.91 -6.69
N GLY C 187 -8.63 -32.40 -7.89
CA GLY C 187 -9.94 -32.23 -8.52
C GLY C 187 -10.17 -30.90 -9.19
N CYS C 188 -9.71 -29.80 -8.58
CA CYS C 188 -9.92 -28.46 -9.09
C CYS C 188 -8.71 -27.93 -9.88
N SER C 189 -8.01 -28.80 -10.59
CA SER C 189 -6.85 -28.37 -11.36
C SER C 189 -7.29 -27.65 -12.63
N ASN C 190 -6.75 -26.44 -12.84
CA ASN C 190 -7.00 -25.68 -14.06
C ASN C 190 -5.83 -25.86 -15.01
N PRO C 191 -6.05 -26.37 -16.22
CA PRO C 191 -4.94 -26.58 -17.17
C PRO C 191 -4.23 -25.30 -17.59
N LEU C 192 -4.89 -24.14 -17.46
CA LEU C 192 -4.34 -22.84 -17.82
C LEU C 192 -3.87 -22.82 -19.27
N GLY C 193 -2.62 -23.25 -19.48
CA GLY C 193 -2.07 -23.40 -20.80
C GLY C 193 -0.76 -24.16 -20.77
N GLY C 194 -0.62 -25.17 -21.62
CA GLY C 194 0.57 -26.00 -21.62
C GLY C 194 0.68 -26.88 -20.39
N GLY C 195 1.70 -26.66 -19.58
CA GLY C 195 1.90 -27.45 -18.38
C GLY C 195 1.60 -26.71 -17.09
N ARG C 196 1.08 -25.49 -17.21
CA ARG C 196 0.77 -24.68 -16.04
C ARG C 196 -0.43 -25.22 -15.29
N GLU C 197 -0.41 -25.05 -13.96
CA GLU C 197 -1.55 -25.41 -13.12
C GLU C 197 -1.79 -24.30 -12.11
N VAL C 198 -2.78 -24.53 -11.24
CA VAL C 198 -3.36 -23.48 -10.42
C VAL C 198 -3.15 -23.81 -8.93
N TRP C 199 -2.00 -24.44 -8.63
CA TRP C 199 -1.61 -24.93 -7.31
C TRP C 199 -1.99 -23.95 -6.19
N PHE C 200 -2.80 -24.42 -5.26
CA PHE C 200 -3.36 -23.58 -4.21
C PHE C 200 -2.53 -23.69 -2.94
N GLY C 201 -2.39 -22.57 -2.24
CA GLY C 201 -1.59 -22.55 -1.04
C GLY C 201 -1.96 -21.44 -0.08
N PHE C 202 -1.05 -21.08 0.81
CA PHE C 202 -1.37 -20.08 1.82
C PHE C 202 -0.10 -19.43 2.33
N HIS C 203 -0.21 -18.16 2.70
CA HIS C 203 0.82 -17.44 3.43
C HIS C 203 0.58 -17.65 4.92
N GLN C 204 1.62 -18.04 5.64
CA GLN C 204 1.54 -18.28 7.08
C GLN C 204 2.53 -17.38 7.80
N SER C 205 2.03 -16.63 8.78
CA SER C 205 2.87 -15.74 9.56
C SER C 205 2.36 -15.69 10.98
N VAL C 206 3.24 -15.30 11.89
CA VAL C 206 2.93 -15.18 13.31
C VAL C 206 2.97 -13.71 13.66
N ARG C 207 1.87 -13.19 14.21
CA ARG C 207 1.75 -11.79 14.56
C ARG C 207 1.41 -11.63 16.03
N PRO C 208 1.92 -10.60 16.68
CA PRO C 208 1.49 -10.31 18.06
C PRO C 208 0.17 -9.55 18.07
N SER C 209 -0.44 -9.54 19.24
CA SER C 209 -1.65 -8.77 19.48
C SER C 209 -1.75 -8.53 20.99
N LEU C 210 -2.65 -7.60 21.36
CA LEU C 210 -2.82 -7.29 22.78
C LEU C 210 -3.33 -8.50 23.57
N TRP C 211 -4.28 -9.25 23.01
CA TRP C 211 -4.89 -10.36 23.73
C TRP C 211 -3.98 -11.59 23.79
N LYS C 212 -3.49 -12.07 22.65
CA LYS C 212 -2.70 -13.29 22.59
C LYS C 212 -1.80 -13.22 21.37
N MET C 213 -1.17 -14.35 21.05
CA MET C 213 -0.46 -14.50 19.79
C MET C 213 -1.43 -14.92 18.69
N MET C 214 -1.16 -14.46 17.47
CA MET C 214 -2.06 -14.68 16.35
C MET C 214 -1.30 -15.28 15.19
N LEU C 215 -1.95 -16.21 14.50
CA LEU C 215 -1.40 -16.85 13.31
C LEU C 215 -2.17 -16.30 12.11
N ASN C 216 -1.55 -15.34 11.41
CA ASN C 216 -2.14 -14.76 10.22
C ASN C 216 -1.99 -15.71 9.05
N ILE C 217 -3.11 -16.08 8.42
CA ILE C 217 -3.11 -16.99 7.29
C ILE C 217 -4.02 -16.43 6.21
N ASP C 218 -3.47 -16.27 5.00
CA ASP C 218 -4.22 -15.85 3.83
C ASP C 218 -4.00 -16.85 2.71
N VAL C 219 -5.06 -17.15 1.97
CA VAL C 219 -4.99 -18.13 0.90
C VAL C 219 -4.44 -17.46 -0.35
N SER C 220 -3.75 -18.24 -1.17
CA SER C 220 -3.10 -17.73 -2.38
C SER C 220 -2.89 -18.89 -3.33
N ALA C 221 -2.52 -18.56 -4.57
CA ALA C 221 -2.28 -19.55 -5.60
C ALA C 221 -1.20 -19.06 -6.55
N THR C 222 -0.52 -20.01 -7.18
CA THR C 222 0.54 -19.69 -8.14
C THR C 222 0.72 -20.87 -9.10
N ALA C 223 1.39 -20.60 -10.21
CA ALA C 223 1.59 -21.60 -11.23
C ALA C 223 2.71 -22.57 -10.85
N PHE C 224 2.56 -23.82 -11.28
CA PHE C 224 3.55 -24.86 -11.00
C PHE C 224 3.75 -25.68 -12.28
N TYR C 225 4.54 -26.76 -12.17
CA TYR C 225 4.94 -27.57 -13.31
C TYR C 225 4.84 -29.06 -12.98
N LYS C 226 3.73 -29.48 -12.37
CA LYS C 226 3.53 -30.92 -12.18
C LYS C 226 3.28 -31.60 -13.53
N ALA C 227 2.42 -30.99 -14.36
CA ALA C 227 2.24 -31.31 -15.77
C ALA C 227 2.06 -32.80 -16.07
N GLN C 228 2.62 -33.26 -17.19
CA GLN C 228 2.55 -34.65 -17.60
C GLN C 228 3.89 -35.04 -18.21
N PRO C 229 4.23 -36.34 -18.19
CA PRO C 229 5.45 -36.84 -18.85
C PRO C 229 5.49 -36.52 -20.35
N VAL C 347 9.18 -34.26 -12.96
CA VAL C 347 9.24 -34.06 -11.51
C VAL C 347 8.25 -32.98 -11.09
N ALA C 348 7.35 -33.35 -10.18
CA ALA C 348 6.34 -32.41 -9.70
C ALA C 348 6.95 -31.43 -8.71
N GLY C 349 6.17 -30.39 -8.39
CA GLY C 349 6.58 -29.41 -7.41
C GLY C 349 7.49 -28.32 -7.92
N GLN C 350 7.62 -28.17 -9.23
CA GLN C 350 8.48 -27.14 -9.81
C GLN C 350 7.65 -25.89 -10.07
N ARG C 351 8.01 -24.79 -9.40
CA ARG C 351 7.31 -23.53 -9.61
C ARG C 351 7.71 -22.92 -10.94
N CYS C 352 6.73 -22.31 -11.63
CA CYS C 352 6.96 -21.69 -12.92
C CYS C 352 7.62 -20.33 -12.73
N ILE C 353 8.69 -20.08 -13.48
CA ILE C 353 9.40 -18.81 -13.44
C ILE C 353 9.68 -18.25 -14.83
N LYS C 354 9.44 -19.03 -15.88
CA LYS C 354 9.75 -18.60 -17.24
C LYS C 354 8.66 -17.65 -17.75
N LYS C 355 8.72 -17.38 -19.06
CA LYS C 355 7.77 -16.42 -19.65
C LYS C 355 6.74 -17.15 -20.52
N LEU C 356 5.52 -16.60 -20.58
CA LEU C 356 4.44 -17.16 -21.40
C LEU C 356 3.53 -16.02 -21.84
N THR C 357 2.33 -16.36 -22.32
CA THR C 357 1.43 -15.39 -22.90
C THR C 357 0.47 -14.81 -21.86
N ASP C 358 -0.41 -13.93 -22.31
CA ASP C 358 -1.36 -13.24 -21.45
C ASP C 358 -2.63 -14.04 -21.20
N ASN C 359 -2.80 -15.20 -21.83
CA ASN C 359 -3.98 -16.01 -21.58
C ASN C 359 -3.90 -16.71 -20.23
N GLN C 360 -2.68 -17.06 -19.81
CA GLN C 360 -2.51 -17.78 -18.54
C GLN C 360 -2.94 -16.92 -17.36
N THR C 361 -2.61 -15.62 -17.37
CA THR C 361 -2.98 -14.77 -16.24
C THR C 361 -4.49 -14.55 -16.20
N SER C 362 -5.16 -14.50 -17.37
CA SER C 362 -6.60 -14.34 -17.37
C SER C 362 -7.31 -15.61 -16.89
N THR C 363 -6.83 -16.78 -17.34
CA THR C 363 -7.39 -18.04 -16.85
C THR C 363 -7.15 -18.21 -15.36
N MET C 364 -5.99 -17.80 -14.87
CA MET C 364 -5.71 -17.90 -13.44
C MET C 364 -6.53 -16.89 -12.64
N ILE C 365 -6.85 -15.73 -13.24
CA ILE C 365 -7.79 -14.79 -12.63
C ILE C 365 -9.17 -15.42 -12.50
N ARG C 366 -9.64 -16.07 -13.56
CA ARG C 366 -10.97 -16.68 -13.52
C ARG C 366 -11.00 -17.87 -12.55
N ALA C 367 -9.86 -18.56 -12.40
CA ALA C 367 -9.80 -19.70 -11.48
C ALA C 367 -9.71 -19.23 -10.03
N THR C 368 -8.97 -18.16 -9.77
CA THR C 368 -8.71 -17.69 -8.43
C THR C 368 -9.60 -16.51 -8.01
N ALA C 369 -10.62 -16.19 -8.81
CA ALA C 369 -11.54 -15.12 -8.44
C ALA C 369 -12.33 -15.50 -7.19
N ARG C 370 -12.04 -14.83 -6.09
CA ARG C 370 -12.66 -15.15 -4.81
C ARG C 370 -13.17 -13.88 -4.17
N SER C 371 -14.47 -13.85 -3.84
CA SER C 371 -15.04 -12.76 -3.07
C SER C 371 -14.67 -12.93 -1.59
N ALA C 372 -15.18 -12.05 -0.75
CA ALA C 372 -14.91 -12.15 0.69
C ALA C 372 -15.43 -13.45 1.30
N PRO C 373 -16.69 -13.89 1.07
CA PRO C 373 -17.07 -15.22 1.58
C PRO C 373 -16.25 -16.35 0.99
N ASP C 374 -15.82 -16.23 -0.26
CA ASP C 374 -15.00 -17.28 -0.87
C ASP C 374 -13.64 -17.39 -0.19
N ARG C 375 -12.96 -16.26 0.04
CA ARG C 375 -11.69 -16.30 0.75
C ARG C 375 -11.87 -16.77 2.19
N GLN C 376 -12.95 -16.33 2.84
CA GLN C 376 -13.24 -16.77 4.20
C GLN C 376 -13.37 -18.29 4.27
N GLU C 377 -14.17 -18.86 3.37
CA GLU C 377 -14.37 -20.31 3.35
C GLU C 377 -13.07 -21.04 3.00
N GLU C 378 -12.30 -20.49 2.06
CA GLU C 378 -11.04 -21.13 1.67
C GLU C 378 -10.05 -21.17 2.84
N ILE C 379 -9.91 -20.06 3.56
CA ILE C 379 -8.98 -20.02 4.68
C ILE C 379 -9.46 -20.91 5.82
N SER C 380 -10.78 -20.92 6.08
CA SER C 380 -11.31 -21.77 7.13
C SER C 380 -11.11 -23.25 6.80
N LYS C 381 -11.38 -23.64 5.56
CA LYS C 381 -11.16 -25.03 5.14
C LYS C 381 -9.68 -25.39 5.19
N LEU C 382 -8.81 -24.43 4.82
CA LEU C 382 -7.38 -24.67 4.87
C LEU C 382 -6.90 -24.92 6.30
N MET C 383 -7.37 -24.11 7.25
CA MET C 383 -6.96 -24.32 8.64
C MET C 383 -7.56 -25.60 9.21
N ARG C 384 -8.79 -25.95 8.82
CA ARG C 384 -9.36 -27.20 9.28
C ARG C 384 -8.61 -28.41 8.72
N SER C 385 -8.13 -28.32 7.48
CA SER C 385 -7.40 -29.43 6.88
C SER C 385 -5.98 -29.53 7.42
N ALA C 386 -5.31 -28.39 7.64
CA ALA C 386 -3.91 -28.42 8.03
C ALA C 386 -3.73 -29.01 9.42
N SER C 387 -4.54 -28.57 10.39
CA SER C 387 -4.60 -29.12 11.75
C SER C 387 -3.24 -29.01 12.45
N PHE C 388 -2.86 -27.77 12.73
CA PHE C 388 -1.65 -27.50 13.51
C PHE C 388 -1.71 -28.10 14.90
N ASN C 389 -2.91 -28.35 15.44
CA ASN C 389 -3.02 -28.83 16.82
C ASN C 389 -2.60 -30.29 16.95
N THR C 390 -2.47 -31.01 15.84
CA THR C 390 -2.02 -32.40 15.90
C THR C 390 -0.58 -32.59 15.45
N ASP C 391 0.11 -31.51 15.10
CA ASP C 391 1.50 -31.60 14.65
C ASP C 391 2.42 -31.94 15.82
N PRO C 392 3.17 -33.04 15.75
CA PRO C 392 4.12 -33.36 16.84
C PRO C 392 5.19 -32.30 17.05
N TYR C 393 5.62 -31.61 15.99
CA TYR C 393 6.59 -30.53 16.13
C TYR C 393 6.00 -29.27 16.76
N VAL C 394 4.68 -29.20 16.88
CA VAL C 394 4.01 -28.10 17.56
C VAL C 394 3.69 -28.54 18.99
N ARG C 395 3.41 -29.83 19.16
CA ARG C 395 3.04 -30.34 20.48
C ARG C 395 4.23 -30.39 21.42
N GLU C 396 5.43 -30.65 20.89
CA GLU C 396 6.62 -30.65 21.74
C GLU C 396 6.90 -29.28 22.33
N PHE C 397 6.50 -28.21 21.64
CA PHE C 397 6.59 -26.88 22.20
C PHE C 397 5.35 -26.47 22.97
N GLY C 398 4.38 -27.38 23.12
CA GLY C 398 3.21 -27.13 23.93
C GLY C 398 2.32 -26.01 23.43
N ILE C 399 2.02 -26.00 22.13
CA ILE C 399 1.30 -24.91 21.49
C ILE C 399 -0.03 -25.44 20.98
N MET C 400 -1.12 -24.72 21.30
CA MET C 400 -2.43 -24.90 20.69
C MET C 400 -2.74 -23.72 19.79
N VAL C 401 -3.36 -23.99 18.65
CA VAL C 401 -3.87 -22.94 17.78
C VAL C 401 -5.38 -23.12 17.63
N LYS C 402 -6.10 -22.01 17.54
CA LYS C 402 -7.55 -22.08 17.36
C LYS C 402 -7.87 -22.34 15.89
N ASP C 403 -8.85 -23.22 15.68
CA ASP C 403 -9.26 -23.62 14.35
C ASP C 403 -10.26 -22.66 13.72
N GLU C 404 -10.73 -21.67 14.47
CA GLU C 404 -11.73 -20.73 13.99
C GLU C 404 -11.12 -19.34 13.89
N MET C 405 -11.67 -18.54 12.98
CA MET C 405 -11.23 -17.16 12.81
C MET C 405 -11.54 -16.33 14.05
N THR C 406 -10.69 -15.35 14.32
CA THR C 406 -10.90 -14.48 15.47
C THR C 406 -12.08 -13.55 15.22
N ASP C 407 -13.00 -13.49 16.19
CA ASP C 407 -14.13 -12.59 16.13
C ASP C 407 -13.69 -11.23 16.67
N VAL C 408 -13.75 -10.21 15.83
CA VAL C 408 -13.36 -8.86 16.21
C VAL C 408 -14.54 -7.93 15.97
N THR C 409 -14.77 -7.02 16.92
CA THR C 409 -15.88 -6.07 16.85
C THR C 409 -15.37 -4.79 16.20
N GLY C 410 -15.80 -4.55 14.96
CA GLY C 410 -15.46 -3.34 14.26
C GLY C 410 -16.51 -2.25 14.43
N ARG C 411 -16.22 -1.10 13.85
CA ARG C 411 -17.14 0.03 13.84
C ARG C 411 -17.17 0.64 12.46
N VAL C 412 -18.38 0.91 11.97
CA VAL C 412 -18.57 1.55 10.67
C VAL C 412 -18.74 3.04 10.94
N LEU C 413 -17.70 3.82 10.64
CA LEU C 413 -17.77 5.26 10.83
C LEU C 413 -18.69 5.88 9.79
N GLN C 414 -19.46 6.88 10.22
CA GLN C 414 -20.34 7.58 9.30
C GLN C 414 -19.51 8.48 8.38
N PRO C 415 -19.88 8.58 7.10
CA PRO C 415 -19.11 9.41 6.17
C PRO C 415 -19.42 10.87 6.37
N PRO C 416 -18.51 11.76 6.02
CA PRO C 416 -18.81 13.19 6.04
C PRO C 416 -19.77 13.57 4.92
N SER C 417 -20.42 14.71 5.11
CA SER C 417 -21.24 15.27 4.05
C SER C 417 -20.38 16.05 3.06
N ILE C 418 -20.70 15.95 1.79
CA ILE C 418 -19.93 16.57 0.72
C ILE C 418 -20.68 17.81 0.26
N LEU C 419 -20.08 18.98 0.48
CA LEU C 419 -20.72 20.26 0.16
C LEU C 419 -20.29 20.71 -1.23
N TYR C 420 -21.25 20.82 -2.14
CA TYR C 420 -21.01 21.31 -3.49
C TYR C 420 -21.36 22.79 -3.57
N GLY C 421 -21.38 23.34 -4.77
CA GLY C 421 -21.66 24.75 -4.95
C GLY C 421 -22.59 25.04 -6.11
N GLY C 422 -22.53 26.25 -6.63
CA GLY C 422 -23.38 26.67 -7.72
C GLY C 422 -24.59 27.45 -7.22
N ARG C 423 -25.78 27.02 -7.63
CA ARG C 423 -27.02 27.69 -7.23
C ARG C 423 -27.59 27.06 -5.97
N ASN C 424 -27.86 25.75 -6.02
CA ASN C 424 -28.46 25.06 -4.88
C ASN C 424 -27.47 24.80 -3.75
N LYS C 425 -26.18 24.73 -4.06
CA LYS C 425 -25.14 24.30 -3.11
C LYS C 425 -25.52 22.97 -2.47
N ALA C 426 -25.72 21.98 -3.34
CA ALA C 426 -26.25 20.69 -2.91
C ALA C 426 -25.26 19.95 -2.02
N ILE C 427 -25.81 19.17 -1.10
CA ILE C 427 -25.03 18.36 -0.16
C ILE C 427 -25.20 16.90 -0.56
N ALA C 428 -24.08 16.22 -0.80
CA ALA C 428 -24.09 14.83 -1.19
C ALA C 428 -23.77 13.96 0.02
N THR C 429 -24.50 12.86 0.15
CA THR C 429 -24.26 11.90 1.22
C THR C 429 -23.65 10.64 0.63
N PRO C 430 -22.40 10.30 0.96
CA PRO C 430 -21.81 9.06 0.44
C PRO C 430 -22.53 7.83 0.97
N VAL C 431 -23.20 7.10 0.08
CA VAL C 431 -23.88 5.87 0.42
C VAL C 431 -23.02 4.72 -0.04
N GLN C 432 -22.60 3.88 0.91
CA GLN C 432 -21.64 2.80 0.68
C GLN C 432 -20.35 3.32 0.06
N GLY C 433 -19.91 4.50 0.52
CA GLY C 433 -18.67 5.09 0.09
C GLY C 433 -18.67 5.71 -1.29
N VAL C 434 -19.82 5.81 -1.94
CA VAL C 434 -19.92 6.31 -3.31
C VAL C 434 -21.05 7.33 -3.37
N TRP C 435 -20.78 8.48 -3.99
CA TRP C 435 -21.82 9.44 -4.34
C TRP C 435 -21.63 9.85 -5.80
N ASP C 436 -22.54 10.68 -6.28
CA ASP C 436 -22.56 11.10 -7.67
C ASP C 436 -22.61 12.62 -7.76
N MET C 437 -22.47 13.12 -8.98
CA MET C 437 -22.56 14.56 -9.23
C MET C 437 -23.78 14.97 -10.03
N ARG C 438 -24.82 14.13 -10.10
CA ARG C 438 -26.05 14.54 -10.75
C ARG C 438 -26.70 15.67 -9.98
N ASN C 439 -27.15 16.69 -10.71
CA ASN C 439 -27.81 17.88 -10.15
C ASN C 439 -26.91 18.59 -9.13
N LYS C 440 -25.60 18.51 -9.32
CA LYS C 440 -24.62 19.17 -8.47
C LYS C 440 -23.65 19.95 -9.33
N GLN C 441 -23.28 21.13 -8.86
CA GLN C 441 -22.30 21.97 -9.51
C GLN C 441 -21.05 22.04 -8.64
N PHE C 442 -19.93 22.38 -9.27
CA PHE C 442 -18.66 22.48 -8.55
C PHE C 442 -18.73 23.56 -7.49
N HIS C 443 -18.00 23.34 -6.39
CA HIS C 443 -17.94 24.33 -5.32
C HIS C 443 -17.36 25.64 -5.82
N THR C 444 -16.30 25.58 -6.62
CA THR C 444 -15.82 26.72 -7.39
C THR C 444 -15.55 26.22 -8.80
N GLY C 445 -16.29 26.75 -9.77
CA GLY C 445 -16.11 26.35 -11.15
C GLY C 445 -15.27 27.35 -11.91
N ILE C 446 -14.43 26.81 -12.79
CA ILE C 446 -13.56 27.61 -13.66
C ILE C 446 -14.23 27.69 -15.03
N GLU C 447 -14.62 28.88 -15.43
CA GLU C 447 -15.20 29.07 -16.76
C GLU C 447 -14.06 29.06 -17.78
N ILE C 448 -14.18 28.20 -18.78
CA ILE C 448 -13.11 28.00 -19.75
C ILE C 448 -13.39 28.89 -20.95
N LYS C 449 -12.62 29.97 -21.08
CA LYS C 449 -12.82 30.94 -22.14
C LYS C 449 -12.21 30.44 -23.45
N VAL C 450 -10.91 30.18 -23.46
CA VAL C 450 -10.19 29.75 -24.65
C VAL C 450 -9.42 28.48 -24.30
N TRP C 451 -9.59 27.44 -25.12
CA TRP C 451 -8.90 26.17 -24.92
C TRP C 451 -8.50 25.62 -26.28
N ALA C 452 -7.59 24.65 -26.26
CA ALA C 452 -7.04 24.08 -27.47
C ALA C 452 -7.14 22.56 -27.41
N ILE C 453 -7.15 21.95 -28.60
CA ILE C 453 -7.15 20.51 -28.75
C ILE C 453 -5.95 20.12 -29.60
N ALA C 454 -5.09 19.27 -29.05
CA ALA C 454 -3.92 18.76 -29.76
C ALA C 454 -4.08 17.24 -29.88
N CYS C 455 -4.56 16.78 -31.02
CA CYS C 455 -4.84 15.36 -31.21
C CYS C 455 -3.62 14.70 -31.83
N PHE C 456 -2.98 13.82 -31.06
CA PHE C 456 -1.88 13.02 -31.56
C PHE C 456 -2.34 11.66 -32.09
N ALA C 457 -3.63 11.35 -31.98
CA ALA C 457 -4.17 10.16 -32.60
C ALA C 457 -4.29 10.37 -34.11
N PRO C 458 -4.26 9.29 -34.90
CA PRO C 458 -4.37 9.42 -36.35
C PRO C 458 -5.71 10.02 -36.78
N GLN C 459 -5.67 10.75 -37.91
CA GLN C 459 -6.89 11.36 -38.44
C GLN C 459 -7.89 10.32 -38.91
N ARG C 460 -7.43 9.25 -39.56
CA ARG C 460 -8.34 8.22 -40.07
C ARG C 460 -9.08 7.48 -38.96
N GLN C 461 -8.53 7.45 -37.74
CA GLN C 461 -9.20 6.84 -36.60
C GLN C 461 -9.96 7.88 -35.78
N CYS C 462 -9.28 8.92 -35.33
CA CYS C 462 -9.91 10.03 -34.61
C CYS C 462 -10.21 11.13 -35.63
N THR C 463 -11.46 11.17 -36.09
CA THR C 463 -11.86 12.08 -37.15
C THR C 463 -12.29 13.42 -36.57
N GLU C 464 -12.67 14.34 -37.46
CA GLU C 464 -13.18 15.64 -37.03
C GLU C 464 -14.61 15.52 -36.49
N VAL C 465 -15.39 14.57 -37.00
CA VAL C 465 -16.72 14.32 -36.48
C VAL C 465 -16.65 13.84 -35.04
N HIS C 466 -15.72 12.92 -34.76
CA HIS C 466 -15.52 12.44 -33.39
C HIS C 466 -15.10 13.58 -32.47
N LEU C 467 -14.19 14.43 -32.94
CA LEU C 467 -13.74 15.55 -32.12
C LEU C 467 -14.86 16.53 -31.85
N LYS C 468 -15.68 16.81 -32.86
CA LYS C 468 -16.81 17.73 -32.67
C LYS C 468 -17.85 17.17 -31.71
N SER C 469 -18.16 15.88 -31.84
CA SER C 469 -19.13 15.25 -30.93
C SER C 469 -18.60 15.21 -29.51
N PHE C 470 -17.32 14.87 -29.34
CA PHE C 470 -16.69 14.89 -28.02
C PHE C 470 -16.70 16.29 -27.43
N THR C 471 -16.45 17.30 -28.27
CA THR C 471 -16.48 18.69 -27.80
C THR C 471 -17.87 19.07 -27.31
N GLU C 472 -18.90 18.75 -28.09
CA GLU C 472 -20.26 19.11 -27.70
C GLU C 472 -20.68 18.39 -26.42
N GLN C 473 -20.39 17.10 -26.33
CA GLN C 473 -20.73 16.34 -25.12
C GLN C 473 -19.97 16.86 -23.90
N LEU C 474 -18.68 17.16 -24.05
CA LEU C 474 -17.90 17.67 -22.95
C LEU C 474 -18.40 19.03 -22.50
N ARG C 475 -18.78 19.89 -23.45
CA ARG C 475 -19.28 21.22 -23.10
C ARG C 475 -20.60 21.13 -22.35
N LYS C 476 -21.51 20.25 -22.79
CA LYS C 476 -22.79 20.15 -22.08
C LYS C 476 -22.63 19.51 -20.71
N ILE C 477 -21.75 18.49 -20.60
CA ILE C 477 -21.50 17.86 -19.31
C ILE C 477 -20.86 18.85 -18.33
N SER C 478 -19.90 19.65 -18.82
CA SER C 478 -19.24 20.62 -17.97
C SER C 478 -20.16 21.79 -17.63
N ARG C 479 -21.08 22.14 -18.52
CA ARG C 479 -22.10 23.14 -18.20
C ARG C 479 -23.01 22.64 -17.09
N ASP C 480 -23.33 21.34 -17.10
CA ASP C 480 -24.12 20.76 -16.02
C ASP C 480 -23.37 20.82 -14.69
N ALA C 481 -22.05 20.74 -14.71
CA ALA C 481 -21.23 20.66 -13.52
C ALA C 481 -20.81 22.02 -12.96
N GLY C 482 -21.31 23.11 -13.54
CA GLY C 482 -20.90 24.43 -13.09
C GLY C 482 -19.56 24.87 -13.60
N MET C 483 -19.10 24.30 -14.70
CA MET C 483 -17.82 24.64 -15.32
C MET C 483 -18.11 24.94 -16.79
N PRO C 484 -18.55 26.16 -17.09
CA PRO C 484 -18.94 26.46 -18.47
C PRO C 484 -17.73 26.59 -19.39
N ILE C 485 -17.77 25.86 -20.50
CA ILE C 485 -16.81 26.01 -21.58
C ILE C 485 -17.49 26.83 -22.67
N GLN C 486 -17.04 28.06 -22.85
CA GLN C 486 -17.67 29.00 -23.76
C GLN C 486 -17.06 28.86 -25.15
N GLY C 487 -17.81 28.26 -26.07
CA GLY C 487 -17.42 28.24 -27.46
C GLY C 487 -16.51 27.09 -27.83
N GLN C 488 -16.24 27.02 -29.14
CA GLN C 488 -15.38 25.99 -29.70
C GLN C 488 -13.92 26.26 -29.34
N PRO C 489 -13.07 25.24 -29.37
CA PRO C 489 -11.64 25.47 -29.10
C PRO C 489 -11.00 26.35 -30.16
N CYS C 490 -10.04 27.17 -29.73
CA CYS C 490 -9.33 28.04 -30.65
C CYS C 490 -8.48 27.24 -31.62
N PHE C 491 -7.86 26.17 -31.14
CA PHE C 491 -6.92 25.37 -31.91
C PHE C 491 -7.38 23.92 -31.88
N CYS C 492 -7.44 23.30 -33.06
CA CYS C 492 -7.76 21.88 -33.14
C CYS C 492 -7.07 21.34 -34.40
N LYS C 493 -5.88 20.77 -34.22
CA LYS C 493 -5.11 20.24 -35.32
C LYS C 493 -4.44 18.93 -34.89
N TYR C 494 -4.03 18.15 -35.88
CA TYR C 494 -3.42 16.86 -35.66
C TYR C 494 -1.90 16.98 -35.63
N ALA C 495 -1.25 16.03 -34.95
CA ALA C 495 0.19 16.03 -34.82
C ALA C 495 0.68 14.58 -34.72
N GLN C 496 1.98 14.39 -34.91
CA GLN C 496 2.58 13.07 -34.87
C GLN C 496 3.91 13.13 -34.12
N GLY C 497 4.14 12.14 -33.27
CA GLY C 497 5.43 11.99 -32.63
C GLY C 497 5.69 12.92 -31.47
N ALA C 498 6.58 12.52 -30.56
CA ALA C 498 6.94 13.35 -29.42
C ALA C 498 7.82 14.53 -29.81
N ASP C 499 8.47 14.46 -30.99
CA ASP C 499 9.34 15.55 -31.42
C ASP C 499 8.54 16.83 -31.71
N SER C 500 7.27 16.69 -32.09
CA SER C 500 6.44 17.83 -32.43
C SER C 500 5.73 18.44 -31.22
N VAL C 501 5.90 17.86 -30.03
CA VAL C 501 5.17 18.34 -28.86
C VAL C 501 5.67 19.73 -28.45
N GLU C 502 6.99 19.90 -28.35
CA GLU C 502 7.53 21.18 -27.88
C GLU C 502 7.29 22.33 -28.85
N PRO C 503 7.55 22.22 -30.16
CA PRO C 503 7.22 23.35 -31.04
C PRO C 503 5.74 23.67 -31.11
N MET C 504 4.88 22.65 -31.14
CA MET C 504 3.42 22.89 -31.16
C MET C 504 2.95 23.56 -29.88
N PHE C 505 3.47 23.13 -28.73
CA PHE C 505 3.06 23.73 -27.47
C PHE C 505 3.60 25.15 -27.33
N ARG C 506 4.81 25.41 -27.86
CA ARG C 506 5.34 26.77 -27.85
C ARG C 506 4.51 27.69 -28.76
N HIS C 507 4.09 27.17 -29.91
CA HIS C 507 3.20 27.93 -30.78
C HIS C 507 1.86 28.20 -30.12
N LEU C 508 1.33 27.22 -29.39
CA LEU C 508 0.08 27.40 -28.66
C LEU C 508 0.23 28.46 -27.57
N LYS C 509 1.35 28.44 -26.85
CA LYS C 509 1.59 29.44 -25.82
C LYS C 509 1.76 30.84 -26.41
N ASN C 510 2.48 30.95 -27.53
CA ASN C 510 2.79 32.25 -28.09
C ASN C 510 1.69 32.83 -28.95
N THR C 511 0.71 32.03 -29.38
CA THR C 511 -0.34 32.52 -30.28
C THR C 511 -1.63 32.88 -29.56
N TYR C 512 -2.02 32.13 -28.54
CA TYR C 512 -3.33 32.28 -27.90
C TYR C 512 -3.12 32.82 -26.48
N ALA C 513 -3.33 34.12 -26.31
CA ALA C 513 -3.23 34.74 -25.01
C ALA C 513 -4.39 34.30 -24.12
N GLY C 514 -4.09 34.08 -22.84
CA GLY C 514 -5.10 33.63 -21.91
C GLY C 514 -5.50 32.19 -22.05
N LEU C 515 -4.76 31.40 -22.81
CA LEU C 515 -5.07 29.99 -23.01
C LEU C 515 -5.01 29.25 -21.67
N GLN C 516 -6.06 28.47 -21.40
CA GLN C 516 -6.22 27.81 -20.10
C GLN C 516 -5.87 26.34 -20.13
N LEU C 517 -6.21 25.64 -21.21
CA LEU C 517 -6.07 24.20 -21.23
C LEU C 517 -5.85 23.72 -22.66
N VAL C 518 -5.01 22.70 -22.80
CA VAL C 518 -4.81 22.00 -24.06
C VAL C 518 -5.22 20.56 -23.84
N VAL C 519 -6.22 20.10 -24.60
CA VAL C 519 -6.63 18.71 -24.53
C VAL C 519 -5.78 17.89 -25.50
N VAL C 520 -5.17 16.84 -24.98
CA VAL C 520 -4.23 16.01 -25.76
C VAL C 520 -4.89 14.66 -25.99
N ILE C 521 -5.30 14.41 -27.23
CA ILE C 521 -5.86 13.12 -27.60
C ILE C 521 -4.71 12.18 -27.92
N LEU C 522 -4.64 11.05 -27.22
CA LEU C 522 -3.52 10.15 -27.35
C LEU C 522 -3.97 8.77 -27.81
N PRO C 523 -3.24 8.13 -28.71
CA PRO C 523 -3.60 6.78 -29.20
C PRO C 523 -3.00 5.67 -28.33
N GLY C 524 -3.51 5.58 -27.10
CA GLY C 524 -2.98 4.59 -26.17
C GLY C 524 -1.64 5.00 -25.59
N LYS C 525 -0.84 4.00 -25.24
CA LYS C 525 0.47 4.25 -24.64
C LYS C 525 1.45 4.75 -25.70
N THR C 526 2.21 5.79 -25.34
CA THR C 526 3.11 6.46 -26.27
C THR C 526 4.08 7.32 -25.48
N PRO C 527 5.29 7.54 -25.99
CA PRO C 527 6.18 8.54 -25.38
C PRO C 527 5.69 9.97 -25.53
N VAL C 528 4.68 10.19 -26.38
CA VAL C 528 4.10 11.52 -26.53
C VAL C 528 3.49 11.99 -25.21
N TYR C 529 2.95 11.06 -24.41
CA TYR C 529 2.42 11.43 -23.10
C TYR C 529 3.51 11.98 -22.20
N ALA C 530 4.65 11.29 -22.12
CA ALA C 530 5.74 11.75 -21.29
C ALA C 530 6.30 13.08 -21.79
N GLU C 531 6.42 13.24 -23.10
CA GLU C 531 6.92 14.50 -23.66
C GLU C 531 5.93 15.64 -23.39
N VAL C 532 4.63 15.36 -23.51
CA VAL C 532 3.60 16.36 -23.24
C VAL C 532 3.67 16.80 -21.78
N LYS C 533 3.81 15.82 -20.87
CA LYS C 533 3.88 16.15 -19.45
C LYS C 533 5.14 16.95 -19.13
N ARG C 534 6.27 16.59 -19.74
CA ARG C 534 7.50 17.33 -19.50
C ARG C 534 7.41 18.76 -20.04
N VAL C 535 6.83 18.94 -21.22
CA VAL C 535 6.75 20.26 -21.82
C VAL C 535 5.76 21.14 -21.05
N GLY C 536 4.59 20.59 -20.74
CA GLY C 536 3.57 21.39 -20.09
C GLY C 536 3.85 21.65 -18.62
N ASP C 537 4.44 20.69 -17.91
CA ASP C 537 4.65 20.86 -16.49
C ASP C 537 5.98 21.52 -16.17
N THR C 538 7.05 21.21 -16.90
CA THR C 538 8.38 21.67 -16.54
C THR C 538 8.98 22.69 -17.50
N VAL C 539 8.61 22.67 -18.78
CA VAL C 539 9.22 23.52 -19.78
C VAL C 539 8.42 24.80 -20.01
N LEU C 540 7.11 24.68 -20.22
CA LEU C 540 6.30 25.81 -20.65
C LEU C 540 5.27 26.28 -19.63
N GLY C 541 4.92 25.45 -18.65
CA GLY C 541 3.91 25.86 -17.67
C GLY C 541 2.51 25.96 -18.21
N MET C 542 2.10 25.03 -19.05
CA MET C 542 0.77 25.01 -19.64
C MET C 542 -0.04 23.86 -19.05
N ALA C 543 -1.25 24.17 -18.59
CA ALA C 543 -2.13 23.13 -18.10
C ALA C 543 -2.61 22.26 -19.25
N THR C 544 -2.40 20.95 -19.13
CA THR C 544 -2.77 20.00 -20.17
C THR C 544 -3.55 18.85 -19.57
N GLN C 545 -4.45 18.30 -20.37
CA GLN C 545 -5.22 17.11 -19.99
C GLN C 545 -5.18 16.12 -21.14
N CYS C 546 -4.82 14.88 -20.84
CA CYS C 546 -4.71 13.84 -21.84
C CYS C 546 -5.95 12.95 -21.80
N VAL C 547 -6.51 12.69 -22.98
CA VAL C 547 -7.65 11.78 -23.13
C VAL C 547 -7.26 10.73 -24.15
N GLN C 548 -7.61 9.47 -23.88
CA GLN C 548 -7.36 8.42 -24.85
C GLN C 548 -8.28 8.58 -26.05
N MET C 549 -7.87 7.99 -27.16
CA MET C 549 -8.67 8.05 -28.38
C MET C 549 -10.00 7.30 -28.21
N LYS C 550 -9.99 6.21 -27.45
CA LYS C 550 -11.19 5.41 -27.28
C LYS C 550 -12.26 6.15 -26.48
N ASN C 551 -11.86 7.08 -25.60
CA ASN C 551 -12.81 7.85 -24.82
C ASN C 551 -13.31 9.08 -25.56
N VAL C 552 -12.82 9.32 -26.77
CA VAL C 552 -13.30 10.40 -27.61
C VAL C 552 -14.26 9.90 -28.67
N GLN C 553 -13.94 8.75 -29.28
CA GLN C 553 -14.82 8.15 -30.26
C GLN C 553 -16.13 7.69 -29.63
N ARG C 554 -16.06 7.08 -28.45
CA ARG C 554 -17.25 6.62 -27.72
C ARG C 554 -17.24 7.28 -26.34
N THR C 555 -18.06 8.31 -26.17
CA THR C 555 -18.12 9.06 -24.93
C THR C 555 -19.21 8.51 -24.02
N THR C 556 -18.95 8.58 -22.71
CA THR C 556 -19.90 8.23 -21.67
C THR C 556 -20.03 9.40 -20.70
N PRO C 557 -21.18 9.55 -20.05
CA PRO C 557 -21.33 10.65 -19.08
C PRO C 557 -20.35 10.57 -17.91
N GLN C 558 -20.00 9.37 -17.43
CA GLN C 558 -19.07 9.26 -16.32
C GLN C 558 -17.65 9.60 -16.73
N THR C 559 -17.21 9.15 -17.91
CA THR C 559 -15.87 9.49 -18.38
C THR C 559 -15.73 11.00 -18.54
N LEU C 560 -16.72 11.64 -19.14
CA LEU C 560 -16.70 13.10 -19.30
C LEU C 560 -16.78 13.81 -17.96
N SER C 561 -17.55 13.26 -17.01
CA SER C 561 -17.68 13.89 -15.70
C SER C 561 -16.38 13.80 -14.91
N ASN C 562 -15.72 12.64 -14.94
CA ASN C 562 -14.42 12.49 -14.30
C ASN C 562 -13.38 13.38 -14.97
N LEU C 563 -13.44 13.47 -16.30
CA LEU C 563 -12.61 14.43 -17.02
C LEU C 563 -12.83 15.85 -16.53
N CYS C 564 -14.10 16.24 -16.35
CA CYS C 564 -14.42 17.59 -15.89
C CYS C 564 -13.91 17.83 -14.47
N LEU C 565 -13.96 16.81 -13.62
CA LEU C 565 -13.33 16.91 -12.30
C LEU C 565 -11.84 17.21 -12.43
N LYS C 566 -11.16 16.48 -13.32
CA LYS C 566 -9.74 16.71 -13.54
C LYS C 566 -9.46 18.10 -14.09
N ILE C 567 -10.30 18.57 -15.02
CA ILE C 567 -10.11 19.90 -15.61
C ILE C 567 -10.32 20.99 -14.57
N ASN C 568 -11.39 20.88 -13.79
CA ASN C 568 -11.71 21.88 -12.78
C ASN C 568 -10.61 21.95 -11.73
N VAL C 569 -10.07 20.80 -11.33
CA VAL C 569 -8.97 20.82 -10.37
C VAL C 569 -7.69 21.37 -11.00
N LYS C 570 -7.38 20.97 -12.24
CA LYS C 570 -6.17 21.42 -12.93
C LYS C 570 -6.19 22.89 -13.28
N LEU C 571 -7.37 23.52 -13.31
CA LEU C 571 -7.49 24.92 -13.69
C LEU C 571 -7.65 25.85 -12.50
N GLY C 572 -7.58 25.34 -11.28
CA GLY C 572 -7.57 26.17 -10.09
C GLY C 572 -8.86 26.22 -9.30
N GLY C 573 -9.89 25.50 -9.73
CA GLY C 573 -11.15 25.47 -9.02
C GLY C 573 -11.27 24.28 -8.09
N VAL C 574 -12.13 24.41 -7.09
CA VAL C 574 -12.37 23.34 -6.13
C VAL C 574 -13.72 22.69 -6.45
N ASN C 575 -13.71 21.36 -6.54
CA ASN C 575 -14.93 20.64 -6.90
C ASN C 575 -15.92 20.61 -5.74
N ASN C 576 -15.46 20.19 -4.56
CA ASN C 576 -16.31 20.10 -3.38
C ASN C 576 -15.41 20.14 -2.16
N ILE C 577 -16.03 20.42 -1.01
CA ILE C 577 -15.33 20.44 0.26
C ILE C 577 -16.09 19.56 1.24
N LEU C 578 -15.40 19.16 2.30
CA LEU C 578 -16.07 18.54 3.43
C LEU C 578 -17.01 19.55 4.07
N LEU C 579 -18.12 19.06 4.61
CA LEU C 579 -19.02 19.92 5.35
C LEU C 579 -18.31 20.47 6.57
N PRO C 580 -18.15 21.79 6.69
CA PRO C 580 -17.32 22.35 7.78
C PRO C 580 -17.82 22.05 9.17
N GLN C 581 -19.14 21.87 9.34
CA GLN C 581 -19.69 21.52 10.64
C GLN C 581 -19.64 20.02 10.92
N GLY C 582 -19.38 19.19 9.90
CA GLY C 582 -19.33 17.76 10.09
C GLY C 582 -17.93 17.21 10.19
N ARG C 583 -16.96 18.08 10.44
CA ARG C 583 -15.54 17.76 10.49
C ARG C 583 -15.06 17.61 11.92
N PRO C 584 -14.02 16.80 12.14
CA PRO C 584 -13.48 16.61 13.50
C PRO C 584 -12.90 17.90 14.05
N PRO C 585 -12.76 18.00 15.39
CA PRO C 585 -12.32 19.26 16.00
C PRO C 585 -10.89 19.68 15.67
N VAL C 586 -10.14 18.90 14.89
CA VAL C 586 -8.81 19.32 14.47
C VAL C 586 -8.89 20.55 13.56
N PHE C 587 -9.99 20.69 12.82
CA PHE C 587 -10.16 21.76 11.83
C PHE C 587 -10.52 23.10 12.44
N GLN C 588 -10.62 23.20 13.77
CA GLN C 588 -10.91 24.47 14.40
C GLN C 588 -9.67 25.34 14.56
N GLN C 589 -8.51 24.86 14.16
CA GLN C 589 -7.25 25.57 14.16
C GLN C 589 -6.59 25.38 12.80
N PRO C 590 -5.68 26.28 12.41
CA PRO C 590 -4.95 26.09 11.15
C PRO C 590 -4.15 24.81 11.17
N VAL C 591 -4.48 23.89 10.26
CA VAL C 591 -3.87 22.58 10.19
C VAL C 591 -3.49 22.30 8.75
N ILE C 592 -2.24 21.86 8.53
CA ILE C 592 -1.77 21.43 7.22
C ILE C 592 -1.74 19.91 7.23
N PHE C 593 -1.97 19.30 6.06
CA PHE C 593 -1.96 17.86 5.90
C PHE C 593 -0.91 17.51 4.86
N LEU C 594 0.09 16.74 5.27
CA LEU C 594 1.21 16.38 4.41
C LEU C 594 1.11 14.91 4.01
N GLY C 595 1.44 14.63 2.75
CA GLY C 595 1.54 13.27 2.28
C GLY C 595 2.89 13.06 1.62
N ALA C 596 3.55 11.94 1.94
CA ALA C 596 4.88 11.67 1.42
C ALA C 596 4.96 10.24 0.92
N ASP C 597 5.77 10.04 -0.12
CA ASP C 597 5.96 8.73 -0.73
C ASP C 597 7.26 8.75 -1.51
N VAL C 598 7.96 7.63 -1.51
CA VAL C 598 9.20 7.47 -2.26
C VAL C 598 9.01 6.34 -3.25
N THR C 599 9.32 6.59 -4.51
CA THR C 599 9.36 5.55 -5.52
C THR C 599 10.82 5.26 -5.88
N HIS C 600 11.17 3.98 -5.86
CA HIS C 600 12.52 3.57 -6.21
C HIS C 600 12.51 2.75 -7.49
N PRO C 601 13.52 2.91 -8.32
CA PRO C 601 13.68 2.04 -9.49
C PRO C 601 14.04 0.63 -9.05
N PRO C 602 13.80 -0.37 -9.90
CA PRO C 602 14.17 -1.74 -9.55
C PRO C 602 15.67 -1.89 -9.34
N ALA C 603 16.03 -2.86 -8.50
CA ALA C 603 17.41 -3.06 -8.10
C ALA C 603 18.25 -3.56 -9.27
N GLY C 604 19.54 -3.76 -9.03
CA GLY C 604 20.47 -3.98 -10.11
C GLY C 604 20.60 -2.73 -10.96
N ASP C 605 20.74 -1.60 -10.28
CA ASP C 605 20.70 -0.29 -10.90
C ASP C 605 21.64 0.63 -10.12
N GLY C 606 21.43 1.93 -10.24
CA GLY C 606 22.23 2.92 -9.55
C GLY C 606 22.43 4.15 -10.40
N LYS C 607 22.26 4.00 -11.72
CA LYS C 607 22.13 5.17 -12.58
C LYS C 607 20.73 5.78 -12.46
N LYS C 608 19.71 4.93 -12.32
CA LYS C 608 18.37 5.42 -12.08
C LYS C 608 18.21 5.78 -10.60
N PRO C 609 17.83 7.01 -10.29
CA PRO C 609 17.71 7.43 -8.90
C PRO C 609 16.29 7.29 -8.36
N SER C 610 16.17 7.45 -7.04
CA SER C 610 14.88 7.42 -6.36
C SER C 610 14.26 8.81 -6.34
N ILE C 611 12.93 8.84 -6.30
CA ILE C 611 12.16 10.08 -6.33
C ILE C 611 11.31 10.16 -5.07
N ALA C 612 11.43 11.27 -4.35
CA ALA C 612 10.64 11.52 -3.14
C ALA C 612 9.69 12.68 -3.38
N ALA C 613 8.41 12.46 -3.12
CA ALA C 613 7.37 13.46 -3.36
C ALA C 613 6.66 13.78 -2.05
N VAL C 614 6.51 15.08 -1.76
CA VAL C 614 5.77 15.54 -0.60
C VAL C 614 4.74 16.57 -1.05
N VAL C 615 3.48 16.37 -0.68
CA VAL C 615 2.41 17.30 -0.98
C VAL C 615 1.87 17.87 0.32
N GLY C 616 1.26 19.05 0.24
CA GLY C 616 0.74 19.72 1.42
C GLY C 616 -0.55 20.47 1.14
N SER C 617 -1.52 20.36 2.04
CA SER C 617 -2.80 21.03 1.87
C SER C 617 -2.62 22.54 1.97
N MET C 618 -3.48 23.29 1.28
CA MET C 618 -3.28 24.72 1.14
C MET C 618 -4.45 25.55 1.64
N ASP C 619 -5.38 24.95 2.39
CA ASP C 619 -6.50 25.70 2.98
C ASP C 619 -7.08 24.89 4.12
N ALA C 620 -8.10 25.47 4.77
CA ALA C 620 -8.86 24.78 5.81
C ALA C 620 -9.93 23.86 5.24
N HIS C 621 -10.16 23.92 3.94
CA HIS C 621 -11.00 23.07 3.11
C HIS C 621 -10.57 21.62 3.01
N PRO C 622 -9.33 21.28 3.40
CA PRO C 622 -8.35 20.81 2.42
C PRO C 622 -8.88 19.95 1.28
N ASN C 623 -8.75 20.51 0.08
CA ASN C 623 -8.83 19.75 -1.16
C ASN C 623 -7.77 20.15 -2.17
N ARG C 624 -7.20 21.36 -2.10
CA ARG C 624 -6.13 21.79 -2.99
C ARG C 624 -4.79 21.60 -2.29
N TYR C 625 -3.83 21.07 -3.04
CA TYR C 625 -2.54 20.67 -2.51
C TYR C 625 -1.44 21.17 -3.43
N CYS C 626 -0.36 21.66 -2.84
CA CYS C 626 0.84 22.02 -3.60
C CYS C 626 1.83 20.87 -3.51
N ALA C 627 2.59 20.66 -4.58
CA ALA C 627 3.48 19.52 -4.71
C ALA C 627 4.93 19.97 -4.68
N THR C 628 5.75 19.27 -3.93
CA THR C 628 7.19 19.42 -3.96
C THR C 628 7.81 18.05 -4.19
N VAL C 629 8.83 18.00 -5.04
CA VAL C 629 9.47 16.73 -5.37
C VAL C 629 10.98 16.91 -5.34
N ARG C 630 11.68 15.80 -5.07
CA ARG C 630 13.14 15.77 -5.08
C ARG C 630 13.61 14.49 -5.72
N VAL C 631 14.82 14.53 -6.25
CA VAL C 631 15.54 13.35 -6.69
C VAL C 631 16.60 13.03 -5.64
N GLN C 632 16.77 11.75 -5.33
CA GLN C 632 17.67 11.33 -4.27
C GLN C 632 18.41 10.07 -4.70
N GLN C 633 19.29 9.60 -3.82
CA GLN C 633 20.15 8.47 -4.12
C GLN C 633 19.31 7.19 -4.29
N HIS C 634 19.90 6.24 -5.01
CA HIS C 634 19.19 5.04 -5.44
C HIS C 634 18.79 4.18 -4.25
N ARG C 635 17.54 3.71 -4.27
CA ARG C 635 16.97 2.77 -3.30
C ARG C 635 16.99 3.29 -1.87
N GLN C 636 17.01 4.62 -1.69
CA GLN C 636 16.98 5.21 -0.36
C GLN C 636 15.54 5.26 0.14
N GLU C 637 15.33 4.79 1.37
CA GLU C 637 13.98 4.70 1.92
C GLU C 637 13.55 6.00 2.61
N ILE C 638 14.46 6.63 3.36
CA ILE C 638 14.15 7.90 4.01
C ILE C 638 14.20 9.01 2.97
N ILE C 639 13.54 10.12 3.26
CA ILE C 639 13.53 11.29 2.39
C ILE C 639 14.65 12.21 2.83
N GLN C 640 15.71 12.30 2.02
CA GLN C 640 16.91 13.03 2.43
C GLN C 640 16.65 14.54 2.52
N ASP C 641 15.94 15.09 1.54
CA ASP C 641 15.69 16.53 1.47
C ASP C 641 14.30 16.88 1.98
N LEU C 642 13.83 16.19 3.03
CA LEU C 642 12.49 16.43 3.53
C LEU C 642 12.36 17.83 4.13
N ALA C 643 13.40 18.33 4.78
CA ALA C 643 13.33 19.64 5.43
C ALA C 643 13.09 20.74 4.41
N ALA C 644 13.76 20.67 3.25
CA ALA C 644 13.62 21.69 2.23
C ALA C 644 12.20 21.73 1.65
N MET C 645 11.64 20.56 1.32
CA MET C 645 10.31 20.53 0.74
C MET C 645 9.23 20.85 1.76
N VAL C 646 9.41 20.42 3.01
CA VAL C 646 8.45 20.79 4.04
C VAL C 646 8.49 22.29 4.29
N ARG C 647 9.70 22.89 4.24
CA ARG C 647 9.81 24.34 4.32
C ARG C 647 9.09 25.02 3.16
N GLU C 648 9.23 24.48 1.95
CA GLU C 648 8.54 25.05 0.80
C GLU C 648 7.03 24.97 0.96
N LEU C 649 6.53 23.82 1.42
CA LEU C 649 5.09 23.64 1.62
C LEU C 649 4.57 24.55 2.72
N LEU C 650 5.34 24.73 3.80
CA LEU C 650 4.92 25.62 4.86
C LEU C 650 4.91 27.08 4.38
N ILE C 651 5.89 27.46 3.57
CA ILE C 651 5.90 28.81 3.00
C ILE C 651 4.69 29.04 2.12
N GLN C 652 4.37 28.05 1.27
CA GLN C 652 3.20 28.17 0.40
C GLN C 652 1.90 28.21 1.21
N PHE C 653 1.82 27.43 2.29
CA PHE C 653 0.65 27.45 3.16
C PHE C 653 0.50 28.80 3.84
N TYR C 654 1.60 29.37 4.33
CA TYR C 654 1.55 30.68 4.98
C TYR C 654 1.22 31.78 3.99
N LYS C 655 1.59 31.61 2.71
CA LYS C 655 1.19 32.56 1.69
C LYS C 655 -0.29 32.44 1.37
N SER C 656 -0.80 31.20 1.23
CA SER C 656 -2.16 30.99 0.78
C SER C 656 -3.18 31.30 1.87
N THR C 657 -2.90 30.91 3.11
CA THR C 657 -3.86 31.03 4.20
C THR C 657 -3.56 32.15 5.18
N ARG C 658 -2.38 32.78 5.08
CA ARG C 658 -1.93 33.84 5.98
C ARG C 658 -1.87 33.39 7.44
N PHE C 659 -1.66 32.09 7.67
CA PHE C 659 -1.56 31.53 9.01
C PHE C 659 -0.61 30.35 8.99
N LYS C 660 0.24 30.27 10.00
CA LYS C 660 1.06 29.08 10.15
C LYS C 660 0.21 27.94 10.71
N PRO C 661 0.44 26.70 10.28
CA PRO C 661 -0.32 25.58 10.86
C PRO C 661 0.07 25.34 12.30
N THR C 662 -0.94 25.14 13.15
CA THR C 662 -0.71 24.75 14.53
C THR C 662 -0.58 23.24 14.70
N ARG C 663 -0.91 22.47 13.66
CA ARG C 663 -0.87 21.02 13.72
C ARG C 663 -0.47 20.49 12.36
N ILE C 664 0.57 19.68 12.30
CA ILE C 664 1.03 19.05 11.07
C ILE C 664 0.67 17.58 11.14
N ILE C 665 -0.26 17.15 10.28
CA ILE C 665 -0.61 15.75 10.16
C ILE C 665 0.15 15.19 8.96
N PHE C 666 1.03 14.23 9.21
CA PHE C 666 1.97 13.72 8.22
C PHE C 666 1.61 12.27 7.92
N TYR C 667 1.11 12.02 6.71
CA TYR C 667 0.79 10.67 6.26
C TYR C 667 1.93 10.21 5.37
N ARG C 668 2.64 9.17 5.80
CA ARG C 668 3.83 8.68 5.10
C ARG C 668 3.53 7.32 4.49
N ALA C 669 3.77 7.19 3.19
CA ALA C 669 3.48 5.97 2.46
C ALA C 669 4.77 5.22 2.14
N GLY C 670 4.65 3.90 2.03
CA GLY C 670 5.75 3.06 1.60
C GLY C 670 6.93 2.97 2.54
N VAL C 671 6.66 2.82 3.85
CA VAL C 671 7.71 2.59 4.84
C VAL C 671 7.45 1.24 5.49
N SER C 672 8.41 0.33 5.36
CA SER C 672 8.29 -0.98 5.96
C SER C 672 8.46 -0.91 7.47
N GLU C 673 7.94 -1.94 8.15
CA GLU C 673 7.92 -1.95 9.62
C GLU C 673 9.33 -1.98 10.20
N GLY C 674 10.28 -2.60 9.49
CA GLY C 674 11.65 -2.59 9.95
C GLY C 674 12.27 -1.20 9.90
N GLN C 675 11.88 -0.39 8.92
CA GLN C 675 12.44 0.94 8.73
C GLN C 675 11.75 2.01 9.56
N PHE C 676 10.81 1.63 10.43
CA PHE C 676 10.02 2.59 11.18
C PHE C 676 10.89 3.50 12.02
N GLN C 677 11.86 2.92 12.72
CA GLN C 677 12.65 3.70 13.68
C GLN C 677 13.54 4.72 12.96
N GLN C 678 14.25 4.29 11.92
CA GLN C 678 15.14 5.20 11.22
C GLN C 678 14.37 6.22 10.40
N VAL C 679 13.22 5.83 9.82
CA VAL C 679 12.39 6.76 9.08
C VAL C 679 11.84 7.83 10.01
N LEU C 680 11.33 7.42 11.17
CA LEU C 680 10.80 8.37 12.13
C LEU C 680 11.90 9.31 12.62
N HIS C 681 13.08 8.76 12.95
CA HIS C 681 14.16 9.57 13.48
C HIS C 681 14.63 10.62 12.46
N HIS C 682 14.77 10.22 11.20
CA HIS C 682 15.21 11.19 10.20
C HIS C 682 14.12 12.20 9.88
N GLU C 683 12.89 11.72 9.66
CA GLU C 683 11.86 12.58 9.06
C GLU C 683 11.19 13.48 10.09
N LEU C 684 11.00 13.03 11.34
CA LEU C 684 10.48 13.92 12.36
C LEU C 684 11.46 15.05 12.65
N LEU C 685 12.75 14.74 12.70
CA LEU C 685 13.77 15.77 12.86
C LEU C 685 13.80 16.70 11.66
N ALA C 686 13.57 16.18 10.45
CA ALA C 686 13.53 17.02 9.26
C ALA C 686 12.34 17.98 9.31
N ILE C 687 11.17 17.50 9.75
CA ILE C 687 10.00 18.37 9.88
C ILE C 687 10.24 19.44 10.94
N ARG C 688 10.83 19.07 12.07
CA ARG C 688 11.15 20.06 13.10
C ARG C 688 12.15 21.08 12.58
N GLU C 689 13.15 20.64 11.81
CA GLU C 689 14.13 21.54 11.24
C GLU C 689 13.48 22.50 10.26
N ALA C 690 12.55 22.02 9.43
CA ALA C 690 11.83 22.88 8.52
C ALA C 690 10.99 23.92 9.27
N CYS C 691 10.33 23.50 10.34
CA CYS C 691 9.53 24.43 11.13
C CYS C 691 10.41 25.48 11.81
N ILE C 692 11.61 25.08 12.25
CA ILE C 692 12.52 26.04 12.87
C ILE C 692 13.06 27.01 11.83
N LYS C 693 13.41 26.52 10.64
CA LYS C 693 13.88 27.38 9.56
C LYS C 693 12.80 28.34 9.10
N LEU C 694 11.52 27.94 9.19
CA LEU C 694 10.43 28.84 8.88
C LEU C 694 10.41 30.04 9.82
N GLU C 695 10.43 29.78 11.13
CA GLU C 695 10.36 30.84 12.12
C GLU C 695 10.96 30.32 13.42
N LYS C 696 11.69 31.19 14.12
CA LYS C 696 12.23 30.84 15.42
C LYS C 696 11.10 30.61 16.43
N ASP C 697 11.33 29.62 17.31
CA ASP C 697 10.38 29.25 18.37
C ASP C 697 9.02 28.86 17.79
N TYR C 698 9.03 28.18 16.65
CA TYR C 698 7.82 27.69 16.00
C TYR C 698 7.88 26.17 15.97
N GLN C 699 7.17 25.53 16.90
CA GLN C 699 7.12 24.07 17.01
C GLN C 699 5.67 23.62 17.04
N PRO C 700 5.04 23.48 15.87
CA PRO C 700 3.68 22.96 15.83
C PRO C 700 3.65 21.48 16.18
N GLY C 701 2.49 21.04 16.67
CA GLY C 701 2.28 19.64 16.94
C GLY C 701 2.31 18.80 15.69
N ILE C 702 3.00 17.66 15.73
CA ILE C 702 3.20 16.80 14.57
C ILE C 702 2.62 15.43 14.88
N THR C 703 1.80 14.93 13.97
CA THR C 703 1.33 13.54 14.00
C THR C 703 1.90 12.83 12.79
N PHE C 704 2.64 11.74 13.04
CA PHE C 704 3.32 10.99 12.00
C PHE C 704 2.61 9.64 11.85
N ILE C 705 1.88 9.49 10.76
CA ILE C 705 1.12 8.27 10.49
C ILE C 705 1.72 7.59 9.27
N VAL C 706 1.97 6.30 9.38
CA VAL C 706 2.47 5.47 8.28
C VAL C 706 1.31 4.66 7.73
N VAL C 707 1.10 4.75 6.41
CA VAL C 707 0.03 4.02 5.74
C VAL C 707 0.62 2.79 5.07
N GLN C 708 0.03 1.63 5.35
CA GLN C 708 0.46 0.39 4.69
C GLN C 708 -0.79 -0.25 4.11
N LYS C 709 -0.87 -0.35 2.80
CA LYS C 709 -2.10 -0.86 2.18
C LYS C 709 -1.77 -2.28 1.70
N ARG C 710 -0.50 -2.66 1.82
CA ARG C 710 -0.17 -4.04 1.49
C ARG C 710 0.16 -4.84 2.75
N HIS C 711 -0.69 -5.81 3.06
CA HIS C 711 -0.48 -6.74 4.15
C HIS C 711 -1.39 -7.94 3.90
N HIS C 712 -1.54 -8.81 4.89
CA HIS C 712 -2.35 -10.02 4.75
C HIS C 712 -3.53 -10.04 5.71
N THR C 713 -3.88 -8.89 6.29
CA THR C 713 -5.04 -8.80 7.17
C THR C 713 -6.31 -8.73 6.33
N ARG C 714 -7.22 -9.68 6.56
CA ARG C 714 -8.46 -9.79 5.81
C ARG C 714 -9.63 -9.77 6.77
N LEU C 715 -10.59 -8.88 6.53
CA LEU C 715 -11.76 -8.73 7.39
C LEU C 715 -13.00 -9.17 6.63
N PHE C 716 -13.86 -9.93 7.31
CA PHE C 716 -15.07 -10.47 6.72
C PHE C 716 -16.25 -10.20 7.64
N CYS C 717 -17.44 -10.18 7.06
CA CYS C 717 -18.66 -9.99 7.82
C CYS C 717 -19.15 -11.31 8.38
N THR C 718 -19.40 -11.34 9.69
CA THR C 718 -19.93 -12.55 10.32
C THR C 718 -21.32 -12.89 9.83
N ASP C 719 -22.18 -11.89 9.65
CA ASP C 719 -23.53 -12.09 9.15
C ASP C 719 -23.64 -11.59 7.71
N LYS C 720 -24.46 -12.29 6.92
CA LYS C 720 -24.63 -11.95 5.51
C LYS C 720 -25.33 -10.61 5.31
N ASN C 721 -26.06 -10.13 6.31
CA ASN C 721 -26.83 -8.90 6.17
C ASN C 721 -25.98 -7.64 6.14
N GLU C 722 -24.70 -7.73 6.51
CA GLU C 722 -23.80 -6.59 6.46
C GLU C 722 -22.83 -6.63 5.29
N ARG C 723 -22.91 -7.66 4.44
CA ARG C 723 -22.08 -7.71 3.25
C ARG C 723 -22.58 -6.70 2.23
N VAL C 724 -21.65 -6.08 1.51
CA VAL C 724 -21.95 -5.00 0.58
C VAL C 724 -21.60 -5.45 -0.83
N GLY C 725 -22.58 -5.37 -1.73
CA GLY C 725 -22.34 -5.63 -3.14
C GLY C 725 -22.21 -7.10 -3.47
N LYS C 726 -21.76 -7.39 -4.68
CA LYS C 726 -21.63 -8.77 -5.14
C LYS C 726 -20.37 -9.36 -4.52
N SER C 727 -19.40 -8.52 -4.25
CA SER C 727 -18.17 -9.01 -3.64
C SER C 727 -18.38 -9.40 -2.18
N GLY C 728 -19.46 -8.95 -1.55
CA GLY C 728 -19.74 -9.31 -0.17
C GLY C 728 -18.74 -8.78 0.82
N ASN C 729 -18.15 -7.63 0.55
CA ASN C 729 -17.08 -7.10 1.38
C ASN C 729 -17.66 -6.27 2.53
N ILE C 730 -16.78 -5.83 3.42
CA ILE C 730 -17.14 -5.00 4.55
C ILE C 730 -17.51 -3.61 4.03
N PRO C 731 -18.43 -2.91 4.68
CA PRO C 731 -18.78 -1.55 4.22
C PRO C 731 -17.64 -0.57 4.42
N ALA C 732 -17.66 0.49 3.61
CA ALA C 732 -16.67 1.55 3.76
C ALA C 732 -16.84 2.26 5.10
N GLY C 733 -15.71 2.60 5.71
CA GLY C 733 -15.72 3.17 7.04
C GLY C 733 -15.51 2.18 8.16
N THR C 734 -15.35 0.90 7.85
CA THR C 734 -15.10 -0.10 8.88
C THR C 734 -13.69 0.08 9.43
N THR C 735 -13.59 0.34 10.73
CA THR C 735 -12.32 0.53 11.40
C THR C 735 -12.15 -0.52 12.49
N VAL C 736 -10.93 -1.05 12.60
CA VAL C 736 -10.59 -2.04 13.61
C VAL C 736 -9.35 -1.56 14.34
N ASP C 737 -9.45 -1.46 15.67
CA ASP C 737 -8.31 -1.14 16.51
C ASP C 737 -8.20 -2.11 17.68
N THR C 738 -8.76 -3.31 17.55
CA THR C 738 -8.80 -4.28 18.63
C THR C 738 -8.42 -5.66 18.12
N LYS C 739 -7.71 -6.40 18.98
CA LYS C 739 -7.66 -7.86 18.98
C LYS C 739 -6.85 -8.45 17.83
N ILE C 740 -6.46 -7.65 16.85
CA ILE C 740 -5.59 -8.13 15.78
C ILE C 740 -4.49 -7.11 15.55
N THR C 741 -4.60 -5.96 16.20
CA THR C 741 -3.67 -4.86 16.00
C THR C 741 -2.50 -4.98 16.96
N HIS C 742 -1.69 -3.92 17.05
CA HIS C 742 -0.50 -3.96 17.89
C HIS C 742 -0.89 -3.98 19.37
N PRO C 743 -0.09 -4.68 20.20
CA PRO C 743 -0.39 -4.73 21.65
C PRO C 743 -0.41 -3.39 22.35
N THR C 744 0.66 -2.60 22.23
CA THR C 744 0.84 -1.42 23.08
C THR C 744 1.02 -0.13 22.29
N GLU C 745 0.67 -0.10 21.00
CA GLU C 745 0.98 1.05 20.16
C GLU C 745 -0.26 1.53 19.41
N PHE C 746 -0.25 2.82 19.09
CA PHE C 746 -1.35 3.50 18.39
C PHE C 746 -1.34 3.03 16.93
N ASP C 747 -2.23 2.10 16.62
CA ASP C 747 -2.37 1.59 15.26
C ASP C 747 -3.79 1.06 15.07
N PHE C 748 -4.25 1.08 13.81
CA PHE C 748 -5.60 0.63 13.51
C PHE C 748 -5.70 0.32 12.03
N TYR C 749 -6.75 -0.42 11.68
CA TYR C 749 -7.12 -0.67 10.30
C TYR C 749 -8.33 0.20 9.95
N LEU C 750 -8.41 0.59 8.69
CA LEU C 750 -9.58 1.36 8.22
C LEU C 750 -9.80 1.03 6.75
N CYS C 751 -10.90 0.35 6.45
CA CYS C 751 -11.32 0.12 5.08
C CYS C 751 -12.22 1.28 4.66
N SER C 752 -11.57 2.37 4.22
CA SER C 752 -12.31 3.56 3.85
C SER C 752 -12.97 3.43 2.49
N HIS C 753 -12.55 2.48 1.67
CA HIS C 753 -13.10 2.29 0.34
C HIS C 753 -14.14 1.17 0.33
N ALA C 754 -14.95 1.16 -0.71
CA ALA C 754 -15.96 0.12 -0.92
C ALA C 754 -15.42 -0.86 -1.96
N GLY C 755 -15.15 -2.08 -1.53
CA GLY C 755 -14.67 -3.08 -2.46
C GLY C 755 -15.77 -3.55 -3.39
N ILE C 756 -15.44 -3.65 -4.67
CA ILE C 756 -16.38 -4.13 -5.69
C ILE C 756 -15.91 -5.40 -6.36
N GLN C 757 -14.66 -5.79 -6.12
CA GLN C 757 -14.09 -7.02 -6.72
C GLN C 757 -13.15 -7.68 -5.71
N GLY C 758 -13.22 -9.00 -5.54
CA GLY C 758 -12.34 -9.70 -4.63
C GLY C 758 -12.65 -9.39 -3.18
N THR C 759 -11.59 -9.38 -2.37
CA THR C 759 -11.68 -9.04 -0.96
C THR C 759 -10.98 -7.71 -0.72
N SER C 760 -11.67 -6.80 -0.04
CA SER C 760 -11.10 -5.49 0.25
C SER C 760 -9.88 -5.60 1.14
N ARG C 761 -8.89 -4.76 0.88
CA ARG C 761 -7.69 -4.69 1.69
C ARG C 761 -7.76 -3.42 2.53
N PRO C 762 -8.08 -3.50 3.81
CA PRO C 762 -8.18 -2.28 4.64
C PRO C 762 -6.79 -1.71 4.87
N SER C 763 -6.64 -0.40 4.59
CA SER C 763 -5.36 0.24 4.79
C SER C 763 -5.02 0.30 6.27
N HIS C 764 -3.77 -0.03 6.59
CA HIS C 764 -3.29 -0.04 7.96
C HIS C 764 -2.60 1.28 8.27
N TYR C 765 -2.93 1.86 9.42
CA TYR C 765 -2.38 3.15 9.83
C TYR C 765 -1.67 2.96 11.16
N HIS C 766 -0.41 3.40 11.22
CA HIS C 766 0.40 3.29 12.43
C HIS C 766 0.91 4.69 12.79
N VAL C 767 0.61 5.12 14.01
CA VAL C 767 0.97 6.45 14.47
C VAL C 767 2.36 6.35 15.09
N LEU C 768 3.38 6.73 14.31
CA LEU C 768 4.75 6.70 14.82
C LEU C 768 5.02 7.85 15.77
N TRP C 769 4.28 8.94 15.64
CA TRP C 769 4.46 10.10 16.51
C TRP C 769 3.15 10.85 16.60
N ASP C 770 2.88 11.41 17.77
CA ASP C 770 1.65 12.19 17.97
C ASP C 770 1.91 13.22 19.07
N ASP C 771 2.21 14.45 18.66
CA ASP C 771 2.34 15.56 19.59
C ASP C 771 1.00 16.17 19.97
N ASN C 772 -0.03 15.95 19.16
CA ASN C 772 -1.34 16.56 19.35
C ASN C 772 -2.22 15.79 20.34
N ARG C 773 -1.80 14.59 20.73
CA ARG C 773 -2.57 13.71 21.61
C ARG C 773 -3.96 13.45 21.05
N PHE C 774 -4.01 13.01 19.80
CA PHE C 774 -5.26 12.64 19.17
C PHE C 774 -5.87 11.44 19.89
N SER C 775 -7.18 11.50 20.11
CA SER C 775 -7.91 10.30 20.50
C SER C 775 -7.99 9.35 19.31
N SER C 776 -8.27 8.08 19.60
CA SER C 776 -8.39 7.09 18.54
C SER C 776 -9.56 7.40 17.63
N ASP C 777 -10.70 7.78 18.22
CA ASP C 777 -11.89 8.10 17.42
C ASP C 777 -11.65 9.31 16.53
N GLU C 778 -11.03 10.35 17.08
CA GLU C 778 -10.78 11.55 16.29
C GLU C 778 -9.81 11.27 15.14
N LEU C 779 -8.75 10.51 15.40
CA LEU C 779 -7.78 10.22 14.35
C LEU C 779 -8.40 9.34 13.27
N GLN C 780 -9.19 8.34 13.65
CA GLN C 780 -9.83 7.49 12.65
C GLN C 780 -10.87 8.25 11.84
N ILE C 781 -11.66 9.11 12.49
CA ILE C 781 -12.65 9.92 11.79
C ILE C 781 -11.97 10.88 10.82
N LEU C 782 -10.89 11.52 11.28
CA LEU C 782 -10.14 12.42 10.41
C LEU C 782 -9.54 11.69 9.22
N THR C 783 -9.01 10.48 9.45
CA THR C 783 -8.45 9.69 8.35
C THR C 783 -9.52 9.33 7.33
N TYR C 784 -10.70 8.91 7.80
CA TYR C 784 -11.79 8.56 6.89
C TYR C 784 -12.25 9.78 6.08
N GLN C 785 -12.39 10.93 6.75
CA GLN C 785 -12.82 12.13 6.06
C GLN C 785 -11.78 12.61 5.06
N LEU C 786 -10.50 12.44 5.38
CA LEU C 786 -9.45 12.75 4.42
C LEU C 786 -9.48 11.78 3.24
N CYS C 787 -9.86 10.53 3.49
CA CYS C 787 -10.10 9.60 2.40
C CYS C 787 -11.30 10.02 1.55
N HIS C 788 -12.18 10.86 2.08
CA HIS C 788 -13.28 11.39 1.30
C HIS C 788 -12.95 12.67 0.54
N THR C 789 -11.70 13.14 0.58
CA THR C 789 -11.34 14.40 -0.07
C THR C 789 -10.61 14.22 -1.39
N TYR C 790 -10.59 13.01 -1.95
CA TYR C 790 -9.93 12.78 -3.22
C TYR C 790 -10.71 13.45 -4.35
N VAL C 791 -10.00 14.26 -5.14
CA VAL C 791 -10.66 15.10 -6.14
C VAL C 791 -10.87 14.41 -7.49
N ARG C 792 -10.18 13.29 -7.75
CA ARG C 792 -10.31 12.65 -9.05
C ARG C 792 -11.53 11.78 -9.18
N CYS C 793 -12.29 11.56 -8.11
CA CYS C 793 -13.50 10.77 -8.18
C CYS C 793 -14.45 11.21 -7.08
N THR C 794 -15.73 10.88 -7.26
CA THR C 794 -16.74 11.05 -6.21
C THR C 794 -16.86 9.75 -5.42
N ARG C 795 -15.75 9.35 -4.83
CA ARG C 795 -15.64 8.10 -4.10
C ARG C 795 -14.77 8.31 -2.88
N SER C 796 -14.92 7.41 -1.90
CA SER C 796 -13.99 7.29 -0.79
C SER C 796 -12.91 6.30 -1.18
N VAL C 797 -11.66 6.72 -1.09
CA VAL C 797 -10.54 5.92 -1.56
C VAL C 797 -9.88 5.21 -0.38
N SER C 798 -8.99 4.27 -0.68
CA SER C 798 -8.42 3.42 0.35
C SER C 798 -7.46 4.17 1.27
N ILE C 799 -6.79 5.20 0.76
CA ILE C 799 -5.81 5.94 1.54
C ILE C 799 -6.22 7.41 1.53
N PRO C 800 -5.79 8.20 2.52
CA PRO C 800 -6.13 9.62 2.52
C PRO C 800 -5.57 10.34 1.30
N ALA C 801 -6.20 11.48 1.00
CA ALA C 801 -5.86 12.23 -0.21
C ALA C 801 -4.40 12.66 -0.30
N PRO C 802 -3.75 13.19 0.76
CA PRO C 802 -2.33 13.58 0.60
C PRO C 802 -1.40 12.42 0.23
N ALA C 803 -1.62 11.22 0.76
CA ALA C 803 -0.78 10.09 0.38
C ALA C 803 -0.94 9.73 -1.09
N TYR C 804 -2.19 9.71 -1.56
CA TYR C 804 -2.45 9.47 -2.97
C TYR C 804 -1.82 10.55 -3.84
N TYR C 805 -1.91 11.81 -3.40
CA TYR C 805 -1.32 12.91 -4.17
C TYR C 805 0.19 12.78 -4.24
N ALA C 806 0.84 12.40 -3.14
CA ALA C 806 2.27 12.19 -3.15
C ALA C 806 2.66 11.06 -4.09
N HIS C 807 1.87 9.98 -4.10
CA HIS C 807 2.10 8.88 -5.04
C HIS C 807 2.01 9.37 -6.48
N LEU C 808 0.98 10.17 -6.80
CA LEU C 808 0.81 10.67 -8.15
C LEU C 808 1.93 11.63 -8.55
N VAL C 809 2.40 12.44 -7.59
CA VAL C 809 3.50 13.37 -7.88
C VAL C 809 4.78 12.59 -8.16
N ALA C 810 5.01 11.50 -7.41
CA ALA C 810 6.17 10.66 -7.67
C ALA C 810 6.10 10.03 -9.06
N PHE C 811 4.91 9.54 -9.45
CA PHE C 811 4.75 9.00 -10.80
C PHE C 811 4.96 10.05 -11.88
N ARG C 812 4.45 11.27 -11.66
CA ARG C 812 4.60 12.34 -12.64
C ARG C 812 6.07 12.75 -12.78
N ALA C 813 6.79 12.81 -11.65
CA ALA C 813 8.22 13.12 -11.71
C ALA C 813 9.00 12.02 -12.41
N ARG C 814 8.58 10.76 -12.22
CA ARG C 814 9.19 9.67 -12.98
C ARG C 814 8.94 9.83 -14.47
N TYR C 815 7.74 10.27 -14.85
CA TYR C 815 7.47 10.56 -16.26
C TYR C 815 8.31 11.71 -16.78
N HIS C 816 8.63 12.69 -15.92
CA HIS C 816 9.45 13.82 -16.33
C HIS C 816 10.91 13.44 -16.59
N LEU C 817 11.35 12.26 -16.16
CA LEU C 817 12.73 11.82 -16.34
C LEU C 817 12.89 10.85 -17.50
N VAL C 818 11.86 10.68 -18.33
CA VAL C 818 11.94 9.75 -19.45
C VAL C 818 12.98 10.21 -20.46
N ASP C 819 13.08 11.52 -20.67
CA ASP C 819 14.08 12.06 -21.59
C ASP C 819 15.50 11.85 -21.07
N LYS C 820 15.68 11.55 -19.80
CA LYS C 820 16.98 11.21 -19.24
C LYS C 820 17.06 9.73 -18.89
N ASP C 838 25.63 13.87 -12.64
CA ASP C 838 24.39 13.87 -13.42
C ASP C 838 23.20 14.12 -12.52
N HIS C 839 23.46 14.29 -11.21
CA HIS C 839 22.39 14.55 -10.27
C HIS C 839 21.74 15.91 -10.52
N GLN C 840 22.55 16.91 -10.88
CA GLN C 840 21.99 18.25 -11.11
C GLN C 840 21.16 18.30 -12.38
N ALA C 841 21.47 17.43 -13.35
CA ALA C 841 20.63 17.36 -14.55
C ALA C 841 19.31 16.69 -14.26
N LEU C 842 19.27 15.82 -13.26
CA LEU C 842 18.02 15.13 -12.92
C LEU C 842 17.22 15.88 -11.86
N ALA C 843 17.89 16.69 -11.05
CA ALA C 843 17.17 17.56 -10.12
C ALA C 843 16.46 18.67 -10.87
N LYS C 844 17.06 19.17 -11.96
CA LYS C 844 16.41 20.17 -12.78
C LYS C 844 15.32 19.59 -13.67
N ALA C 845 15.37 18.28 -13.94
CA ALA C 845 14.37 17.67 -14.80
C ALA C 845 13.04 17.46 -14.09
N VAL C 846 13.07 17.12 -12.79
CA VAL C 846 11.84 16.93 -12.04
C VAL C 846 11.24 18.23 -11.53
N GLN C 847 11.91 19.36 -11.78
CA GLN C 847 11.40 20.65 -11.32
C GLN C 847 10.37 21.16 -12.31
N VAL C 848 9.13 21.32 -11.85
CA VAL C 848 8.05 21.78 -12.72
C VAL C 848 8.12 23.29 -12.85
N HIS C 849 7.37 23.83 -13.82
CA HIS C 849 7.42 25.25 -14.14
C HIS C 849 6.82 26.08 -13.02
N GLN C 850 7.18 27.36 -13.01
CA GLN C 850 6.74 28.26 -11.94
C GLN C 850 5.23 28.45 -11.97
N ASP C 851 4.64 28.50 -13.16
CA ASP C 851 3.19 28.56 -13.28
C ASP C 851 2.53 27.21 -13.01
N THR C 852 3.30 26.13 -12.98
CA THR C 852 2.81 24.79 -12.71
C THR C 852 2.96 24.39 -11.25
N LEU C 853 3.89 25.03 -10.52
CA LEU C 853 4.21 24.63 -9.15
C LEU C 853 3.02 24.74 -8.21
N ARG C 854 2.24 25.81 -8.34
CA ARG C 854 1.18 26.12 -7.37
C ARG C 854 -0.16 25.51 -7.75
N THR C 855 -0.22 24.70 -8.80
CA THR C 855 -1.47 24.07 -9.20
C THR C 855 -1.34 22.55 -9.13
N MET C 856 -2.49 21.88 -9.21
CA MET C 856 -2.56 20.42 -9.21
C MET C 856 -2.40 19.87 -10.63
N TYR C 857 -1.17 19.99 -11.12
CA TYR C 857 -0.82 19.34 -12.38
C TYR C 857 -0.91 17.83 -12.29
N PHE C 858 -0.70 17.29 -11.09
CA PHE C 858 -0.57 15.84 -10.90
C PHE C 858 -1.92 15.14 -10.88
N ALA C 859 -3.02 15.88 -10.73
CA ALA C 859 -4.34 15.27 -10.69
C ALA C 859 -4.84 14.96 -12.09
#